data_2MXV
#
_entry.id   2MXV
#
loop_
_entity.id
_entity.type
_entity.pdbx_description
1 polymer 'RNA-binding protein 10'
2 non-polymer 'ZINC ION'
#
_entity_poly.entity_id   1
_entity_poly.type   'polypeptide(L)'
_entity_poly.pdbx_seq_one_letter_code
;GHMPKINEDWLCNKCGVQNFKRREKCFKCGVPKSEAEQKLPLG
;
_entity_poly.pdbx_strand_id   A
#
# COMPACT_ATOMS: atom_id res chain seq x y z
N GLY A 1 -16.60 -1.41 -17.58
CA GLY A 1 -17.29 -0.49 -16.66
C GLY A 1 -16.32 0.43 -15.94
N HIS A 2 -16.59 0.71 -14.66
CA HIS A 2 -15.73 1.58 -13.82
C HIS A 2 -14.38 0.90 -13.49
N MET A 3 -13.37 1.71 -13.14
CA MET A 3 -12.04 1.22 -12.75
C MET A 3 -11.33 2.30 -11.89
N PRO A 4 -11.60 2.31 -10.53
CA PRO A 4 -10.91 3.23 -9.60
C PRO A 4 -9.42 2.89 -9.44
N LYS A 5 -9.12 1.57 -9.51
CA LYS A 5 -7.76 1.00 -9.38
C LYS A 5 -7.07 1.49 -8.11
N ILE A 6 -7.87 1.63 -7.04
CA ILE A 6 -7.39 1.89 -5.68
C ILE A 6 -6.96 0.55 -5.06
N ASN A 7 -7.62 -0.55 -5.50
CA ASN A 7 -7.21 -1.93 -5.19
C ASN A 7 -6.07 -2.32 -6.16
N GLU A 8 -4.90 -1.73 -5.91
CA GLU A 8 -3.70 -1.84 -6.76
C GLU A 8 -2.48 -2.14 -5.86
N ASP A 9 -2.78 -2.50 -4.59
CA ASP A 9 -1.77 -2.80 -3.53
C ASP A 9 -0.92 -1.57 -3.20
N TRP A 10 -0.02 -1.71 -2.23
CA TRP A 10 0.97 -0.70 -1.87
C TRP A 10 2.00 -1.34 -0.96
N LEU A 11 3.26 -1.25 -1.36
CA LEU A 11 4.38 -1.83 -0.62
C LEU A 11 4.75 -0.87 0.52
N CYS A 12 4.65 -1.35 1.77
CA CYS A 12 4.95 -0.56 2.98
C CYS A 12 6.43 -0.11 3.01
N ASN A 13 6.67 1.03 3.68
CA ASN A 13 8.02 1.64 3.82
C ASN A 13 8.77 1.09 5.05
N LYS A 14 8.07 0.32 5.90
CA LYS A 14 8.63 -0.25 7.14
C LYS A 14 8.50 -1.79 7.13
N CYS A 15 7.26 -2.34 7.25
CA CYS A 15 7.06 -3.79 7.29
C CYS A 15 7.31 -4.42 5.90
N GLY A 16 7.05 -3.61 4.86
CA GLY A 16 7.29 -3.99 3.47
C GLY A 16 6.34 -5.06 2.96
N VAL A 17 5.12 -5.09 3.51
CA VAL A 17 4.13 -6.14 3.19
C VAL A 17 3.34 -5.81 1.90
N GLN A 18 2.95 -6.89 1.21
CA GLN A 18 1.89 -6.88 0.19
C GLN A 18 0.56 -7.09 0.94
N ASN A 19 -0.30 -6.07 0.90
CA ASN A 19 -1.50 -6.01 1.76
C ASN A 19 -2.76 -6.46 0.98
N PHE A 20 -3.96 -6.20 1.53
CA PHE A 20 -5.23 -6.59 0.89
C PHE A 20 -5.66 -5.57 -0.22
N LYS A 21 -4.68 -4.77 -0.69
CA LYS A 21 -4.78 -3.82 -1.84
C LYS A 21 -5.76 -2.63 -1.60
N ARG A 22 -6.57 -2.73 -0.54
CA ARG A 22 -7.66 -1.80 -0.22
C ARG A 22 -7.39 -1.16 1.16
N ARG A 23 -6.41 -1.74 1.89
CA ARG A 23 -6.01 -1.26 3.22
C ARG A 23 -5.63 0.23 3.20
N GLU A 24 -6.21 0.99 4.14
CA GLU A 24 -5.83 2.38 4.39
C GLU A 24 -4.52 2.41 5.20
N LYS A 25 -4.36 1.40 6.05
CA LYS A 25 -3.14 1.17 6.84
C LYS A 25 -2.81 -0.33 6.81
N CYS A 26 -1.50 -0.68 6.94
CA CYS A 26 -1.03 -2.08 6.96
C CYS A 26 -1.69 -2.88 8.10
N PHE A 27 -1.89 -4.18 7.85
CA PHE A 27 -2.64 -5.08 8.77
C PHE A 27 -1.91 -5.32 10.11
N LYS A 28 -0.61 -4.99 10.15
CA LYS A 28 0.25 -5.28 11.31
C LYS A 28 1.09 -4.06 11.70
N CYS A 29 1.64 -3.35 10.70
CA CYS A 29 2.47 -2.16 10.90
C CYS A 29 1.60 -0.90 11.10
N GLY A 30 0.50 -0.82 10.34
CA GLY A 30 -0.46 0.27 10.45
C GLY A 30 0.03 1.59 9.87
N VAL A 31 0.99 1.53 8.91
CA VAL A 31 1.43 2.74 8.17
C VAL A 31 0.35 3.15 7.16
N PRO A 32 0.00 4.48 7.08
CA PRO A 32 -0.97 4.98 6.08
C PRO A 32 -0.49 4.76 4.61
N LYS A 33 -1.45 4.44 3.73
CA LYS A 33 -1.23 4.24 2.29
C LYS A 33 -0.83 5.58 1.62
N SER A 34 -1.31 6.69 2.22
CA SER A 34 -0.95 8.05 1.79
C SER A 34 0.56 8.31 2.04
N GLU A 35 1.09 7.68 3.11
CA GLU A 35 2.52 7.76 3.48
C GLU A 35 3.34 6.64 2.76
N ALA A 36 2.67 5.90 1.88
CA ALA A 36 3.27 4.81 1.09
C ALA A 36 3.04 5.08 -0.41
N GLU A 37 3.04 4.01 -1.23
CA GLU A 37 2.96 4.10 -2.71
C GLU A 37 1.76 4.92 -3.21
N GLN A 38 2.07 6.03 -3.90
CA GLN A 38 1.08 6.94 -4.52
C GLN A 38 0.62 6.35 -5.87
N LYS A 39 -0.63 6.67 -6.25
CA LYS A 39 -1.30 6.10 -7.44
C LYS A 39 -1.52 7.17 -8.51
N LEU A 40 -2.35 6.85 -9.52
CA LEU A 40 -2.73 7.76 -10.60
C LEU A 40 -3.67 8.87 -10.05
N PRO A 41 -3.60 10.14 -10.60
CA PRO A 41 -4.45 11.26 -10.15
C PRO A 41 -5.96 10.92 -10.22
N LEU A 42 -6.53 10.49 -9.08
CA LEU A 42 -7.91 10.00 -8.98
C LEU A 42 -8.27 9.80 -7.50
N GLY A 43 -9.08 10.72 -6.95
CA GLY A 43 -9.50 10.63 -5.55
C GLY A 43 -10.88 9.97 -5.40
N GLY A 1 9.99 -14.08 -15.30
CA GLY A 1 8.84 -14.96 -15.63
C GLY A 1 7.50 -14.41 -15.19
N HIS A 2 7.48 -13.79 -13.98
CA HIS A 2 6.26 -13.25 -13.38
C HIS A 2 5.85 -11.92 -14.04
N MET A 3 4.55 -11.60 -13.89
CA MET A 3 3.91 -10.41 -14.43
C MET A 3 3.13 -9.71 -13.28
N PRO A 4 3.81 -8.80 -12.48
CA PRO A 4 3.16 -8.09 -11.35
C PRO A 4 2.05 -7.11 -11.83
N LYS A 5 0.90 -7.72 -12.14
CA LYS A 5 -0.34 -7.04 -12.59
C LYS A 5 -1.54 -7.70 -11.90
N ILE A 6 -1.24 -8.62 -10.96
CA ILE A 6 -2.22 -9.46 -10.25
C ILE A 6 -2.64 -8.81 -8.92
N ASN A 7 -1.91 -7.76 -8.54
CA ASN A 7 -2.14 -7.00 -7.30
C ASN A 7 -2.40 -5.52 -7.64
N GLU A 8 -3.60 -5.04 -7.30
CA GLU A 8 -3.99 -3.62 -7.36
C GLU A 8 -3.67 -2.93 -6.00
N ASP A 9 -3.25 -3.77 -5.05
CA ASP A 9 -2.89 -3.44 -3.67
C ASP A 9 -1.52 -2.72 -3.62
N TRP A 10 -1.29 -1.96 -2.53
CA TRP A 10 -0.02 -1.23 -2.32
C TRP A 10 0.96 -2.07 -1.47
N LEU A 11 2.24 -1.68 -1.57
CA LEU A 11 3.34 -2.26 -0.81
C LEU A 11 3.78 -1.22 0.25
N CYS A 12 4.05 -1.70 1.48
CA CYS A 12 4.47 -0.83 2.58
C CYS A 12 5.89 -0.27 2.35
N ASN A 13 6.16 0.89 2.96
CA ASN A 13 7.48 1.54 2.92
C ASN A 13 8.37 1.04 4.05
N LYS A 14 7.73 0.66 5.19
CA LYS A 14 8.45 0.11 6.36
C LYS A 14 8.46 -1.43 6.32
N CYS A 15 7.32 -2.11 6.64
CA CYS A 15 7.29 -3.58 6.75
C CYS A 15 7.35 -4.26 5.36
N GLY A 16 7.10 -3.48 4.29
CA GLY A 16 7.22 -3.96 2.91
C GLY A 16 6.12 -4.94 2.50
N VAL A 17 5.04 -5.00 3.30
CA VAL A 17 3.96 -6.01 3.13
C VAL A 17 3.03 -5.70 1.94
N GLN A 18 2.24 -6.72 1.57
CA GLN A 18 1.29 -6.67 0.45
C GLN A 18 -0.12 -6.84 1.03
N ASN A 19 -0.91 -5.76 1.01
CA ASN A 19 -2.19 -5.67 1.74
C ASN A 19 -3.39 -6.04 0.82
N PHE A 20 -4.62 -5.60 1.21
CA PHE A 20 -5.84 -5.77 0.39
C PHE A 20 -6.30 -4.40 -0.19
N LYS A 21 -5.31 -3.57 -0.61
CA LYS A 21 -5.50 -2.19 -1.11
C LYS A 21 -6.27 -1.25 -0.15
N ARG A 22 -7.61 -1.50 -0.04
CA ARG A 22 -8.58 -0.71 0.75
C ARG A 22 -8.13 -0.46 2.21
N ARG A 23 -7.26 -1.35 2.71
CA ARG A 23 -6.55 -1.15 4.00
C ARG A 23 -5.82 0.20 3.98
N GLU A 24 -6.36 1.15 4.76
CA GLU A 24 -5.82 2.51 4.89
C GLU A 24 -4.44 2.49 5.58
N LYS A 25 -4.23 1.46 6.40
CA LYS A 25 -2.95 1.18 7.05
C LYS A 25 -2.45 -0.22 6.65
N CYS A 26 -1.22 -0.55 7.04
CA CYS A 26 -0.72 -1.93 7.00
C CYS A 26 -1.49 -2.79 8.01
N PHE A 27 -1.73 -4.06 7.64
CA PHE A 27 -2.53 -5.02 8.46
C PHE A 27 -1.76 -5.54 9.70
N LYS A 28 -0.57 -4.96 9.97
CA LYS A 28 0.31 -5.41 11.05
C LYS A 28 1.18 -4.24 11.57
N CYS A 29 1.77 -3.46 10.65
CA CYS A 29 2.65 -2.34 11.00
C CYS A 29 1.87 -1.03 11.25
N GLY A 30 0.74 -0.84 10.53
CA GLY A 30 -0.11 0.34 10.72
C GLY A 30 0.47 1.63 10.15
N VAL A 31 1.25 1.53 9.05
CA VAL A 31 1.75 2.73 8.35
C VAL A 31 0.61 3.31 7.45
N PRO A 32 0.34 4.64 7.48
CA PRO A 32 -0.70 5.26 6.62
C PRO A 32 -0.40 5.09 5.11
N LYS A 33 -1.46 4.85 4.32
CA LYS A 33 -1.38 4.71 2.84
C LYS A 33 -0.91 6.01 2.17
N SER A 34 -1.06 7.15 2.86
CA SER A 34 -0.63 8.47 2.35
C SER A 34 0.89 8.53 2.10
N GLU A 35 1.65 7.69 2.83
CA GLU A 35 3.13 7.65 2.76
C GLU A 35 3.62 6.28 2.22
N ALA A 36 2.68 5.33 2.02
CA ALA A 36 2.94 4.07 1.29
C ALA A 36 2.80 4.32 -0.23
N GLU A 37 1.86 5.21 -0.56
CA GLU A 37 1.74 5.83 -1.89
C GLU A 37 2.71 7.03 -1.95
N GLN A 38 2.55 7.91 -2.96
CA GLN A 38 3.32 9.14 -3.05
C GLN A 38 2.91 10.11 -1.93
N LYS A 39 3.90 10.58 -1.15
CA LYS A 39 3.68 11.65 -0.16
C LYS A 39 3.29 12.95 -0.88
N LEU A 40 2.31 13.65 -0.33
CA LEU A 40 1.82 14.91 -0.91
C LEU A 40 2.81 16.04 -0.55
N PRO A 41 3.09 17.01 -1.49
CA PRO A 41 3.86 18.23 -1.16
C PRO A 41 3.03 19.16 -0.25
N LEU A 42 2.87 18.74 1.02
CA LEU A 42 1.99 19.38 2.01
C LEU A 42 2.83 20.38 2.84
N GLY A 43 3.99 19.90 3.32
CA GLY A 43 4.97 20.74 4.00
C GLY A 43 6.04 21.26 3.03
N GLY A 1 -11.69 -12.68 -9.33
CA GLY A 1 -10.21 -12.73 -9.10
C GLY A 1 -9.43 -12.86 -10.41
N HIS A 2 -8.08 -12.85 -10.27
CA HIS A 2 -7.11 -13.03 -11.37
C HIS A 2 -7.10 -11.83 -12.37
N MET A 3 -7.86 -10.76 -12.07
CA MET A 3 -7.94 -9.56 -12.93
C MET A 3 -8.05 -8.27 -12.08
N PRO A 4 -6.93 -7.81 -11.43
CA PRO A 4 -6.91 -6.55 -10.68
C PRO A 4 -6.51 -5.36 -11.59
N LYS A 5 -7.48 -4.95 -12.45
CA LYS A 5 -7.27 -3.90 -13.47
C LYS A 5 -6.92 -2.55 -12.84
N ILE A 6 -7.81 -2.07 -11.97
CA ILE A 6 -7.67 -0.75 -11.31
C ILE A 6 -7.04 -0.88 -9.91
N ASN A 7 -6.71 -2.12 -9.49
CA ASN A 7 -6.09 -2.39 -8.19
C ASN A 7 -4.61 -2.75 -8.40
N GLU A 8 -3.72 -1.87 -7.91
CA GLU A 8 -2.26 -2.11 -7.88
C GLU A 8 -1.83 -2.61 -6.48
N ASP A 9 -2.70 -2.33 -5.46
CA ASP A 9 -2.37 -2.50 -4.01
C ASP A 9 -1.22 -1.57 -3.59
N TRP A 10 -0.62 -1.83 -2.42
CA TRP A 10 0.59 -1.14 -1.99
C TRP A 10 1.52 -2.07 -1.20
N LEU A 11 2.80 -1.70 -1.22
CA LEU A 11 3.88 -2.40 -0.53
C LEU A 11 4.32 -1.44 0.61
N CYS A 12 4.26 -1.93 1.87
CA CYS A 12 4.68 -1.15 3.05
C CYS A 12 6.17 -0.79 2.97
N ASN A 13 6.52 0.35 3.55
CA ASN A 13 7.91 0.83 3.65
C ASN A 13 8.48 0.52 5.04
N LYS A 14 7.58 0.36 6.02
CA LYS A 14 7.93 0.05 7.42
C LYS A 14 8.22 -1.46 7.57
N CYS A 15 7.17 -2.33 7.54
CA CYS A 15 7.36 -3.78 7.65
C CYS A 15 7.74 -4.42 6.30
N GLY A 16 7.42 -3.71 5.20
CA GLY A 16 7.76 -4.19 3.85
C GLY A 16 6.90 -5.35 3.40
N VAL A 17 5.63 -5.33 3.80
CA VAL A 17 4.64 -6.36 3.45
C VAL A 17 3.76 -5.91 2.27
N GLN A 18 3.11 -6.88 1.59
CA GLN A 18 2.15 -6.59 0.53
C GLN A 18 0.75 -6.64 1.14
N ASN A 19 0.15 -5.46 1.31
CA ASN A 19 -1.23 -5.33 1.80
C ASN A 19 -2.18 -5.00 0.66
N PHE A 20 -3.49 -5.12 0.97
CA PHE A 20 -4.57 -4.66 0.10
C PHE A 20 -4.49 -3.15 -0.08
N LYS A 21 -4.97 -2.65 -1.21
CA LYS A 21 -5.16 -1.22 -1.40
C LYS A 21 -6.29 -0.73 -0.49
N ARG A 22 -7.25 -1.63 -0.21
CA ARG A 22 -8.37 -1.41 0.74
C ARG A 22 -7.87 -1.14 2.17
N ARG A 23 -6.67 -1.68 2.49
CA ARG A 23 -5.97 -1.42 3.74
C ARG A 23 -5.63 0.09 3.84
N GLU A 24 -6.28 0.76 4.80
CA GLU A 24 -6.04 2.19 5.09
C GLU A 24 -4.65 2.33 5.76
N LYS A 25 -4.26 1.30 6.55
CA LYS A 25 -2.90 1.15 7.11
C LYS A 25 -2.49 -0.33 7.00
N CYS A 26 -1.27 -0.67 7.50
CA CYS A 26 -0.78 -2.06 7.48
C CYS A 26 -1.66 -2.98 8.34
N PHE A 27 -1.58 -4.30 8.07
CA PHE A 27 -2.37 -5.31 8.79
C PHE A 27 -1.88 -5.52 10.25
N LYS A 28 -0.70 -4.96 10.60
CA LYS A 28 -0.12 -5.13 11.95
C LYS A 28 0.87 -4.01 12.34
N CYS A 29 1.74 -3.59 11.38
CA CYS A 29 2.82 -2.62 11.65
C CYS A 29 2.23 -1.19 11.76
N GLY A 30 1.86 -0.62 10.62
CA GLY A 30 1.06 0.60 10.59
C GLY A 30 1.75 1.73 9.87
N VAL A 31 1.82 1.64 8.54
CA VAL A 31 2.07 2.81 7.68
C VAL A 31 0.75 3.18 7.00
N PRO A 32 0.35 4.49 6.93
CA PRO A 32 -0.84 4.91 6.16
C PRO A 32 -0.67 4.62 4.67
N LYS A 33 -1.79 4.34 4.02
CA LYS A 33 -1.87 4.02 2.59
C LYS A 33 -1.41 5.22 1.74
N SER A 34 -1.70 6.43 2.22
CA SER A 34 -1.27 7.69 1.59
C SER A 34 0.28 7.80 1.52
N GLU A 35 0.96 7.13 2.47
CA GLU A 35 2.42 7.10 2.59
C GLU A 35 2.98 5.74 2.05
N ALA A 36 2.30 5.17 1.05
CA ALA A 36 2.69 3.90 0.41
C ALA A 36 2.15 3.86 -1.03
N GLU A 37 0.80 3.79 -1.12
CA GLU A 37 0.06 3.90 -2.38
C GLU A 37 0.04 5.38 -2.77
N GLN A 38 1.06 5.76 -3.57
CA GLN A 38 1.30 7.16 -3.96
C GLN A 38 0.13 7.70 -4.79
N LYS A 39 -0.30 8.93 -4.49
CA LYS A 39 -1.45 9.57 -5.15
C LYS A 39 -0.98 10.20 -6.47
N LEU A 40 -0.77 9.36 -7.51
CA LEU A 40 -0.49 9.83 -8.87
C LEU A 40 -1.80 10.35 -9.49
N PRO A 41 -1.76 11.46 -10.28
CA PRO A 41 -2.96 11.98 -10.99
C PRO A 41 -3.41 11.06 -12.15
N LEU A 42 -4.30 11.60 -13.03
CA LEU A 42 -4.94 10.86 -14.14
C LEU A 42 -5.83 9.71 -13.58
N GLY A 43 -6.30 9.90 -12.35
CA GLY A 43 -7.07 8.91 -11.61
C GLY A 43 -7.01 9.15 -10.10
N GLY A 1 2.92 -13.10 -10.35
CA GLY A 1 2.92 -11.62 -10.37
C GLY A 1 2.68 -11.05 -11.76
N HIS A 2 2.76 -9.70 -11.84
CA HIS A 2 2.61 -8.91 -13.08
C HIS A 2 1.17 -8.98 -13.64
N MET A 3 0.22 -9.48 -12.80
CA MET A 3 -1.19 -9.68 -13.19
C MET A 3 -2.12 -8.85 -12.27
N PRO A 4 -2.38 -7.54 -12.61
CA PRO A 4 -3.31 -6.70 -11.83
C PRO A 4 -4.79 -7.01 -12.14
N LYS A 5 -5.66 -6.94 -11.10
CA LYS A 5 -7.11 -7.12 -11.27
C LYS A 5 -7.84 -6.54 -10.05
N ILE A 6 -8.19 -5.23 -10.16
CA ILE A 6 -8.85 -4.41 -9.10
C ILE A 6 -7.85 -4.06 -7.97
N ASN A 7 -7.11 -5.07 -7.46
CA ASN A 7 -6.00 -4.86 -6.52
C ASN A 7 -4.85 -4.11 -7.22
N GLU A 8 -4.86 -2.77 -7.08
CA GLU A 8 -3.69 -1.93 -7.39
C GLU A 8 -2.70 -2.01 -6.20
N ASP A 9 -3.28 -2.25 -5.01
CA ASP A 9 -2.55 -2.62 -3.78
C ASP A 9 -1.53 -1.52 -3.39
N TRP A 10 -0.63 -1.83 -2.44
CA TRP A 10 0.55 -1.02 -2.14
C TRP A 10 1.53 -1.80 -1.29
N LEU A 11 2.82 -1.64 -1.62
CA LEU A 11 3.94 -2.26 -0.91
C LEU A 11 4.44 -1.23 0.10
N CYS A 12 4.52 -1.64 1.37
CA CYS A 12 4.97 -0.77 2.47
C CYS A 12 6.48 -0.47 2.39
N ASN A 13 6.92 0.60 3.09
CA ASN A 13 8.35 0.92 3.27
C ASN A 13 8.78 0.60 4.71
N LYS A 14 7.80 0.67 5.63
CA LYS A 14 8.01 0.47 7.07
C LYS A 14 8.26 -1.02 7.38
N CYS A 15 7.24 -1.88 7.20
CA CYS A 15 7.41 -3.35 7.35
C CYS A 15 7.79 -3.99 6.00
N GLY A 16 7.24 -3.42 4.92
CA GLY A 16 7.49 -3.92 3.57
C GLY A 16 6.56 -5.06 3.18
N VAL A 17 5.29 -4.94 3.61
CA VAL A 17 4.26 -5.97 3.33
C VAL A 17 3.40 -5.62 2.09
N GLN A 18 2.69 -6.64 1.61
CA GLN A 18 1.67 -6.52 0.55
C GLN A 18 0.31 -6.62 1.25
N ASN A 19 -0.52 -5.54 1.18
CA ASN A 19 -1.80 -5.48 1.90
C ASN A 19 -2.93 -6.15 1.08
N PHE A 20 -4.19 -5.74 1.31
CA PHE A 20 -5.37 -6.23 0.56
C PHE A 20 -6.03 -5.05 -0.19
N LYS A 21 -5.18 -4.19 -0.80
CA LYS A 21 -5.53 -2.91 -1.51
C LYS A 21 -6.36 -1.91 -0.65
N ARG A 22 -7.63 -2.25 -0.36
CA ARG A 22 -8.57 -1.42 0.43
C ARG A 22 -8.02 -1.07 1.82
N ARG A 23 -7.14 -1.94 2.35
CA ARG A 23 -6.41 -1.69 3.62
C ARG A 23 -5.65 -0.36 3.53
N GLU A 24 -6.26 0.68 4.09
CA GLU A 24 -5.69 2.05 4.15
C GLU A 24 -4.31 2.05 4.83
N LYS A 25 -4.22 1.28 5.91
CA LYS A 25 -3.00 1.11 6.69
C LYS A 25 -2.54 -0.37 6.62
N CYS A 26 -1.23 -0.60 6.80
CA CYS A 26 -0.65 -1.96 6.90
C CYS A 26 -1.36 -2.79 8.00
N PHE A 27 -1.85 -3.97 7.62
CA PHE A 27 -2.61 -4.90 8.51
C PHE A 27 -1.90 -5.21 9.84
N LYS A 28 -0.56 -5.07 9.85
CA LYS A 28 0.27 -5.35 11.05
C LYS A 28 1.04 -4.09 11.52
N CYS A 29 1.66 -3.33 10.58
CA CYS A 29 2.55 -2.20 10.92
C CYS A 29 1.76 -0.88 11.13
N GLY A 30 0.64 -0.73 10.41
CA GLY A 30 -0.29 0.39 10.61
C GLY A 30 0.12 1.71 9.98
N VAL A 31 1.06 1.67 9.01
CA VAL A 31 1.46 2.87 8.23
C VAL A 31 0.35 3.23 7.21
N PRO A 32 -0.13 4.52 7.17
CA PRO A 32 -1.10 4.97 6.14
C PRO A 32 -0.55 4.81 4.70
N LYS A 33 -1.47 4.62 3.75
CA LYS A 33 -1.17 4.51 2.31
C LYS A 33 -0.43 5.74 1.80
N SER A 34 -0.81 6.92 2.31
CA SER A 34 -0.26 8.21 1.88
C SER A 34 1.20 8.42 2.37
N GLU A 35 1.70 7.52 3.25
CA GLU A 35 3.11 7.54 3.72
C GLU A 35 3.93 6.42 3.02
N ALA A 36 3.22 5.42 2.44
CA ALA A 36 3.85 4.33 1.67
C ALA A 36 3.77 4.59 0.15
N GLU A 37 2.54 4.52 -0.36
CA GLU A 37 2.22 4.63 -1.81
C GLU A 37 2.02 6.12 -2.19
N GLN A 38 2.12 6.39 -3.49
CA GLN A 38 2.07 7.74 -4.07
C GLN A 38 0.64 8.35 -3.96
N LYS A 39 0.58 9.66 -3.70
CA LYS A 39 -0.67 10.43 -3.69
C LYS A 39 -0.99 10.96 -5.11
N LEU A 40 -2.21 11.49 -5.29
CA LEU A 40 -2.61 12.18 -6.54
C LEU A 40 -2.55 13.71 -6.29
N PRO A 41 -2.11 14.54 -7.30
CA PRO A 41 -2.13 16.02 -7.17
C PRO A 41 -3.57 16.60 -7.21
N LEU A 42 -4.45 15.94 -7.98
CA LEU A 42 -5.82 16.41 -8.22
C LEU A 42 -6.71 16.04 -7.01
N GLY A 43 -6.94 17.03 -6.13
CA GLY A 43 -7.77 16.85 -4.94
C GLY A 43 -7.02 16.23 -3.75
N GLY A 1 -3.83 -3.19 -23.39
CA GLY A 1 -2.86 -3.73 -22.40
C GLY A 1 -3.36 -5.01 -21.74
N HIS A 2 -2.99 -5.22 -20.47
CA HIS A 2 -3.42 -6.40 -19.69
C HIS A 2 -4.69 -6.08 -18.89
N MET A 3 -4.57 -5.06 -17.99
CA MET A 3 -5.65 -4.61 -17.09
C MET A 3 -6.09 -5.77 -16.14
N PRO A 4 -5.39 -5.96 -14.97
CA PRO A 4 -5.74 -7.02 -14.00
C PRO A 4 -7.04 -6.73 -13.22
N LYS A 5 -7.35 -5.42 -13.02
CA LYS A 5 -8.49 -4.94 -12.19
C LYS A 5 -8.28 -5.31 -10.69
N ILE A 6 -9.00 -4.59 -9.77
CA ILE A 6 -8.99 -4.78 -8.29
C ILE A 6 -7.57 -4.69 -7.66
N ASN A 7 -6.60 -4.21 -8.46
CA ASN A 7 -5.19 -4.07 -8.05
C ASN A 7 -5.00 -2.66 -7.48
N GLU A 8 -5.47 -2.48 -6.25
CA GLU A 8 -5.29 -1.23 -5.48
C GLU A 8 -4.14 -1.45 -4.45
N ASP A 9 -3.57 -2.69 -4.49
CA ASP A 9 -2.44 -3.17 -3.66
C ASP A 9 -1.27 -2.18 -3.60
N TRP A 10 -0.71 -2.03 -2.40
CA TRP A 10 0.48 -1.19 -2.15
C TRP A 10 1.50 -1.96 -1.32
N LEU A 11 2.78 -1.64 -1.56
CA LEU A 11 3.91 -2.24 -0.85
C LEU A 11 4.29 -1.25 0.26
N CYS A 12 4.40 -1.74 1.50
CA CYS A 12 4.69 -0.90 2.65
C CYS A 12 6.12 -0.36 2.61
N ASN A 13 6.29 0.86 3.12
CA ASN A 13 7.60 1.53 3.17
C ASN A 13 8.35 1.14 4.46
N LYS A 14 7.59 0.77 5.52
CA LYS A 14 8.15 0.32 6.81
C LYS A 14 8.33 -1.22 6.83
N CYS A 15 7.23 -2.01 6.98
CA CYS A 15 7.34 -3.49 7.11
C CYS A 15 7.63 -4.17 5.76
N GLY A 16 7.16 -3.54 4.65
CA GLY A 16 7.42 -4.02 3.30
C GLY A 16 6.45 -5.10 2.83
N VAL A 17 5.20 -5.06 3.30
CA VAL A 17 4.16 -6.04 2.93
C VAL A 17 3.18 -5.50 1.86
N GLN A 18 2.58 -6.42 1.10
CA GLN A 18 1.53 -6.10 0.13
C GLN A 18 0.18 -6.37 0.81
N ASN A 19 -0.66 -5.35 0.95
CA ASN A 19 -1.93 -5.44 1.71
C ASN A 19 -3.02 -6.18 0.90
N PHE A 20 -4.23 -6.26 1.47
CA PHE A 20 -5.43 -6.78 0.76
C PHE A 20 -6.11 -5.66 -0.10
N LYS A 21 -5.28 -4.80 -0.75
CA LYS A 21 -5.70 -3.65 -1.63
C LYS A 21 -6.81 -2.73 -1.07
N ARG A 22 -7.09 -2.87 0.23
CA ARG A 22 -8.27 -2.25 0.86
C ARG A 22 -7.88 -1.75 2.26
N ARG A 23 -6.95 -2.49 2.90
CA ARG A 23 -6.30 -2.07 4.15
C ARG A 23 -5.65 -0.68 3.97
N GLU A 24 -6.30 0.34 4.54
CA GLU A 24 -5.83 1.73 4.49
C GLU A 24 -4.43 1.84 5.10
N LYS A 25 -4.28 1.28 6.31
CA LYS A 25 -2.96 1.08 6.95
C LYS A 25 -2.56 -0.40 6.82
N CYS A 26 -1.26 -0.70 7.06
CA CYS A 26 -0.77 -2.09 7.16
C CYS A 26 -1.50 -2.82 8.31
N PHE A 27 -1.84 -4.09 8.06
CA PHE A 27 -2.62 -4.96 8.98
C PHE A 27 -1.89 -5.24 10.32
N LYS A 28 -0.59 -4.85 10.43
CA LYS A 28 0.17 -4.96 11.69
C LYS A 28 1.07 -3.72 11.96
N CYS A 29 1.73 -3.19 10.92
CA CYS A 29 2.73 -2.13 11.05
C CYS A 29 2.09 -0.73 11.05
N GLY A 30 0.91 -0.63 10.42
CA GLY A 30 0.03 0.55 10.54
C GLY A 30 0.50 1.80 9.80
N VAL A 31 1.20 1.65 8.65
CA VAL A 31 1.51 2.80 7.77
C VAL A 31 0.31 3.08 6.84
N PRO A 32 -0.26 4.33 6.81
CA PRO A 32 -1.29 4.71 5.83
C PRO A 32 -0.75 4.63 4.38
N LYS A 33 -1.63 4.20 3.45
CA LYS A 33 -1.30 4.13 2.00
C LYS A 33 -0.85 5.51 1.48
N SER A 34 -1.42 6.58 2.04
CA SER A 34 -1.07 7.96 1.68
C SER A 34 0.44 8.27 1.95
N GLU A 35 0.99 7.65 3.02
CA GLU A 35 2.42 7.76 3.38
C GLU A 35 3.27 6.72 2.60
N ALA A 36 2.62 5.63 2.12
CA ALA A 36 3.29 4.50 1.45
C ALA A 36 3.55 4.80 -0.03
N GLU A 37 2.61 5.52 -0.65
CA GLU A 37 2.68 5.91 -2.07
C GLU A 37 3.73 7.02 -2.25
N GLN A 38 4.57 6.87 -3.29
CA GLN A 38 5.60 7.87 -3.64
C GLN A 38 4.92 9.08 -4.31
N LYS A 39 4.52 10.06 -3.48
CA LYS A 39 3.78 11.25 -3.92
C LYS A 39 4.70 12.48 -4.11
N LEU A 40 4.08 13.58 -4.58
CA LEU A 40 4.72 14.90 -4.67
C LEU A 40 4.64 15.62 -3.28
N PRO A 41 5.51 16.68 -3.00
CA PRO A 41 5.46 17.46 -1.73
C PRO A 41 4.03 17.95 -1.36
N LEU A 42 3.37 17.18 -0.48
CA LEU A 42 1.99 17.42 -0.01
C LEU A 42 1.91 17.02 1.49
N GLY A 43 2.23 15.74 1.76
CA GLY A 43 2.02 15.13 3.09
C GLY A 43 3.28 15.11 3.98
N GLY A 1 4.18 -2.18 -22.50
CA GLY A 1 3.04 -3.13 -22.55
C GLY A 1 1.75 -2.49 -22.06
N HIS A 2 0.72 -3.34 -21.82
CA HIS A 2 -0.58 -2.90 -21.31
C HIS A 2 -0.77 -3.44 -19.89
N MET A 3 -0.72 -2.55 -18.88
CA MET A 3 -0.89 -2.93 -17.46
C MET A 3 -2.37 -2.80 -17.03
N PRO A 4 -2.84 -3.62 -16.02
CA PRO A 4 -4.19 -3.46 -15.42
C PRO A 4 -4.40 -2.06 -14.81
N LYS A 5 -5.58 -1.49 -15.05
CA LYS A 5 -5.95 -0.13 -14.58
C LYS A 5 -6.67 -0.17 -13.22
N ILE A 6 -6.68 -1.36 -12.59
CA ILE A 6 -7.44 -1.61 -11.35
C ILE A 6 -6.58 -2.39 -10.35
N ASN A 7 -6.51 -1.88 -9.10
CA ASN A 7 -5.83 -2.50 -7.93
C ASN A 7 -4.43 -3.08 -8.26
N GLU A 8 -3.39 -2.23 -8.13
CA GLU A 8 -1.99 -2.66 -8.25
C GLU A 8 -1.50 -3.16 -6.87
N ASP A 9 -2.29 -2.82 -5.81
CA ASP A 9 -1.96 -3.04 -4.39
C ASP A 9 -0.84 -2.08 -3.92
N TRP A 10 -0.74 -1.88 -2.60
CA TRP A 10 0.28 -1.06 -1.99
C TRP A 10 1.22 -1.94 -1.17
N LEU A 11 2.51 -1.83 -1.47
CA LEU A 11 3.58 -2.51 -0.75
C LEU A 11 4.07 -1.54 0.34
N CYS A 12 4.16 -2.00 1.59
CA CYS A 12 4.60 -1.18 2.73
C CYS A 12 6.05 -0.68 2.55
N ASN A 13 6.33 0.49 3.14
CA ASN A 13 7.68 1.10 3.14
C ASN A 13 8.37 0.88 4.50
N LYS A 14 7.58 0.62 5.56
CA LYS A 14 8.11 0.39 6.92
C LYS A 14 8.37 -1.11 7.20
N CYS A 15 7.32 -1.99 7.19
CA CYS A 15 7.52 -3.43 7.37
C CYS A 15 7.90 -4.11 6.04
N GLY A 16 7.37 -3.57 4.93
CA GLY A 16 7.66 -4.10 3.60
C GLY A 16 6.75 -5.26 3.22
N VAL A 17 5.52 -5.27 3.76
CA VAL A 17 4.53 -6.35 3.53
C VAL A 17 3.60 -6.02 2.34
N GLN A 18 2.87 -7.05 1.91
CA GLN A 18 1.87 -6.96 0.84
C GLN A 18 0.47 -7.03 1.49
N ASN A 19 -0.37 -6.03 1.22
CA ASN A 19 -1.70 -5.88 1.86
C ASN A 19 -2.78 -6.06 0.78
N PHE A 20 -3.94 -5.42 0.99
CA PHE A 20 -4.94 -5.20 -0.07
C PHE A 20 -5.26 -3.69 -0.09
N LYS A 21 -5.54 -3.08 -1.27
CA LYS A 21 -5.76 -1.61 -1.36
C LYS A 21 -7.11 -1.12 -0.80
N ARG A 22 -7.76 -1.91 0.07
CA ARG A 22 -8.88 -1.44 0.94
C ARG A 22 -8.39 -1.23 2.38
N ARG A 23 -7.06 -1.34 2.59
CA ARG A 23 -6.41 -1.15 3.89
C ARG A 23 -6.07 0.33 4.08
N GLU A 24 -6.49 0.88 5.23
CA GLU A 24 -6.13 2.23 5.68
C GLU A 24 -4.64 2.25 6.04
N LYS A 25 -4.22 1.17 6.73
CA LYS A 25 -2.85 0.94 7.21
C LYS A 25 -2.49 -0.55 7.08
N CYS A 26 -1.19 -0.87 7.32
CA CYS A 26 -0.72 -2.28 7.35
C CYS A 26 -1.39 -3.09 8.46
N PHE A 27 -1.52 -4.40 8.23
CA PHE A 27 -2.23 -5.33 9.16
C PHE A 27 -1.53 -5.49 10.52
N LYS A 28 -0.30 -4.93 10.68
CA LYS A 28 0.44 -4.98 11.95
C LYS A 28 1.38 -3.78 12.15
N CYS A 29 1.93 -3.23 11.05
CA CYS A 29 2.94 -2.18 11.11
C CYS A 29 2.32 -0.78 11.20
N GLY A 30 1.08 -0.64 10.68
CA GLY A 30 0.31 0.59 10.81
C GLY A 30 0.86 1.77 10.01
N VAL A 31 1.49 1.49 8.85
CA VAL A 31 1.88 2.55 7.91
C VAL A 31 0.63 3.02 7.13
N PRO A 32 0.29 4.35 7.16
CA PRO A 32 -0.84 4.88 6.37
C PRO A 32 -0.61 4.68 4.86
N LYS A 33 -1.67 4.24 4.17
CA LYS A 33 -1.64 3.89 2.74
C LYS A 33 -1.35 5.11 1.87
N SER A 34 -1.78 6.29 2.36
CA SER A 34 -1.50 7.59 1.73
C SER A 34 0.01 7.84 1.61
N GLU A 35 0.75 7.47 2.67
CA GLU A 35 2.22 7.61 2.74
C GLU A 35 2.95 6.31 2.30
N ALA A 36 2.20 5.39 1.68
CA ALA A 36 2.74 4.10 1.21
C ALA A 36 2.70 4.00 -0.32
N GLU A 37 1.61 4.52 -0.93
CA GLU A 37 1.51 4.73 -2.38
C GLU A 37 2.24 6.02 -2.78
N GLN A 38 2.20 6.35 -4.08
CA GLN A 38 2.75 7.61 -4.60
C GLN A 38 1.86 8.80 -4.16
N LYS A 39 2.27 10.02 -4.53
CA LYS A 39 1.51 11.23 -4.21
C LYS A 39 0.19 11.26 -5.02
N LEU A 40 -0.94 11.33 -4.30
CA LEU A 40 -2.28 11.47 -4.89
C LEU A 40 -2.52 12.96 -5.27
N PRO A 41 -3.35 13.26 -6.33
CA PRO A 41 -3.72 14.64 -6.69
C PRO A 41 -4.60 15.30 -5.61
N LEU A 42 -3.94 15.78 -4.55
CA LEU A 42 -4.58 16.37 -3.36
C LEU A 42 -4.41 17.90 -3.36
N GLY A 43 -3.41 18.39 -4.12
CA GLY A 43 -3.07 19.81 -4.18
C GLY A 43 -2.45 20.22 -5.53
N GLY A 1 2.99 -10.25 -17.61
CA GLY A 1 3.22 -10.95 -16.30
C GLY A 1 2.09 -10.68 -15.33
N HIS A 2 2.30 -11.06 -14.05
CA HIS A 2 1.26 -10.91 -12.98
C HIS A 2 1.40 -9.55 -12.27
N MET A 3 1.29 -8.46 -13.06
CA MET A 3 1.32 -7.06 -12.56
C MET A 3 0.16 -6.26 -13.19
N PRO A 4 -1.07 -6.26 -12.56
CA PRO A 4 -2.21 -5.40 -13.00
C PRO A 4 -2.02 -3.92 -12.58
N LYS A 5 -2.97 -3.06 -12.98
CA LYS A 5 -2.95 -1.62 -12.60
C LYS A 5 -4.23 -1.24 -11.78
N ILE A 6 -5.15 -2.22 -11.64
CA ILE A 6 -6.43 -2.03 -10.91
C ILE A 6 -6.19 -2.20 -9.39
N ASN A 7 -4.94 -2.57 -9.02
CA ASN A 7 -4.53 -2.79 -7.63
C ASN A 7 -4.59 -1.48 -6.82
N GLU A 8 -5.57 -1.42 -5.89
CA GLU A 8 -5.56 -0.45 -4.78
C GLU A 8 -4.45 -0.88 -3.77
N ASP A 9 -3.93 -2.12 -3.96
CA ASP A 9 -2.75 -2.69 -3.25
C ASP A 9 -1.57 -1.74 -3.28
N TRP A 10 -0.77 -1.81 -2.24
CA TRP A 10 0.38 -0.93 -2.03
C TRP A 10 1.45 -1.67 -1.21
N LEU A 11 2.70 -1.28 -1.41
CA LEU A 11 3.86 -1.84 -0.71
C LEU A 11 4.20 -0.89 0.45
N CYS A 12 4.26 -1.43 1.67
CA CYS A 12 4.58 -0.66 2.88
C CYS A 12 5.98 -0.05 2.82
N ASN A 13 6.10 1.14 3.40
CA ASN A 13 7.34 1.93 3.44
C ASN A 13 8.01 1.84 4.84
N LYS A 14 7.50 0.90 5.67
CA LYS A 14 8.08 0.56 7.00
C LYS A 14 8.32 -0.97 7.10
N CYS A 15 7.23 -1.81 7.17
CA CYS A 15 7.42 -3.28 7.26
C CYS A 15 7.78 -3.89 5.89
N GLY A 16 7.39 -3.18 4.82
CA GLY A 16 7.70 -3.58 3.44
C GLY A 16 6.92 -4.80 2.97
N VAL A 17 5.62 -4.85 3.31
CA VAL A 17 4.72 -5.96 2.92
C VAL A 17 3.71 -5.51 1.86
N GLN A 18 3.11 -6.49 1.18
CA GLN A 18 2.05 -6.29 0.19
C GLN A 18 0.72 -6.68 0.87
N ASN A 19 -0.24 -5.77 0.94
CA ASN A 19 -1.53 -5.98 1.67
C ASN A 19 -2.64 -6.43 0.71
N PHE A 20 -3.89 -6.49 1.21
CA PHE A 20 -5.07 -7.01 0.49
C PHE A 20 -5.97 -5.85 -0.04
N LYS A 21 -5.31 -4.78 -0.55
CA LYS A 21 -5.89 -3.55 -1.19
C LYS A 21 -6.93 -2.73 -0.38
N ARG A 22 -7.99 -3.39 0.13
CA ARG A 22 -8.96 -2.77 1.07
C ARG A 22 -8.36 -2.57 2.49
N ARG A 23 -7.10 -2.08 2.55
CA ARG A 23 -6.41 -1.66 3.79
C ARG A 23 -6.00 -0.19 3.60
N GLU A 24 -6.51 0.69 4.47
CA GLU A 24 -6.10 2.11 4.53
C GLU A 24 -4.71 2.19 5.21
N LYS A 25 -4.50 1.28 6.17
CA LYS A 25 -3.22 1.08 6.89
C LYS A 25 -2.85 -0.41 6.85
N CYS A 26 -1.55 -0.72 6.93
CA CYS A 26 -1.05 -2.11 6.96
C CYS A 26 -1.65 -2.91 8.13
N PHE A 27 -1.95 -4.18 7.83
CA PHE A 27 -2.71 -5.10 8.70
C PHE A 27 -1.96 -5.46 10.01
N LYS A 28 -0.67 -5.09 10.12
CA LYS A 28 0.13 -5.35 11.33
C LYS A 28 1.05 -4.15 11.69
N CYS A 29 1.64 -3.51 10.66
CA CYS A 29 2.57 -2.40 10.84
C CYS A 29 1.85 -1.06 11.03
N GLY A 30 0.61 -0.98 10.49
CA GLY A 30 -0.28 0.16 10.71
C GLY A 30 0.15 1.44 9.99
N VAL A 31 1.06 1.33 9.01
CA VAL A 31 1.47 2.48 8.18
C VAL A 31 0.32 2.92 7.26
N PRO A 32 -0.03 4.24 7.23
CA PRO A 32 -0.98 4.78 6.25
C PRO A 32 -0.46 4.67 4.81
N LYS A 33 -1.38 4.33 3.88
CA LYS A 33 -1.14 4.30 2.43
C LYS A 33 -0.71 5.70 1.90
N SER A 34 -1.07 6.73 2.69
CA SER A 34 -0.68 8.13 2.45
C SER A 34 0.87 8.28 2.38
N GLU A 35 1.60 7.51 3.21
CA GLU A 35 3.08 7.50 3.24
C GLU A 35 3.66 6.52 2.18
N ALA A 36 2.80 5.61 1.68
CA ALA A 36 3.19 4.54 0.73
C ALA A 36 2.91 4.94 -0.74
N GLU A 37 3.01 3.95 -1.67
CA GLU A 37 2.88 4.14 -3.13
C GLU A 37 3.97 5.10 -3.67
N GLN A 38 3.80 5.63 -4.90
CA GLN A 38 4.68 6.69 -5.44
C GLN A 38 3.82 7.86 -5.90
N LYS A 39 3.79 8.92 -5.08
CA LYS A 39 3.07 10.17 -5.37
C LYS A 39 4.03 11.36 -5.31
N LEU A 40 3.62 12.47 -5.94
CA LEU A 40 4.38 13.73 -5.96
C LEU A 40 4.21 14.46 -4.60
N PRO A 41 5.25 15.20 -4.08
CA PRO A 41 5.16 15.94 -2.80
C PRO A 41 4.26 17.21 -2.91
N LEU A 42 2.96 17.00 -3.13
CA LEU A 42 1.99 18.09 -3.36
C LEU A 42 1.53 18.68 -2.01
N GLY A 43 1.45 20.02 -1.95
CA GLY A 43 1.03 20.76 -0.75
C GLY A 43 2.14 21.68 -0.23
N GLY A 1 6.49 -16.05 -11.97
CA GLY A 1 6.35 -14.82 -12.79
C GLY A 1 4.90 -14.41 -12.93
N HIS A 2 4.69 -13.24 -13.60
CA HIS A 2 3.36 -12.62 -13.85
C HIS A 2 2.70 -12.12 -12.54
N MET A 3 1.87 -11.06 -12.64
CA MET A 3 1.25 -10.41 -11.46
C MET A 3 -0.31 -10.46 -11.50
N PRO A 4 -0.95 -11.53 -10.95
CA PRO A 4 -2.40 -11.50 -10.61
C PRO A 4 -2.68 -10.37 -9.60
N LYS A 5 -3.77 -9.60 -9.82
CA LYS A 5 -4.01 -8.26 -9.21
C LYS A 5 -3.01 -7.23 -9.81
N ILE A 6 -3.53 -6.23 -10.55
CA ILE A 6 -2.72 -5.18 -11.21
C ILE A 6 -2.33 -4.02 -10.24
N ASN A 7 -2.17 -4.37 -8.95
CA ASN A 7 -1.85 -3.45 -7.86
C ASN A 7 -2.89 -2.33 -7.69
N GLU A 8 -4.09 -2.73 -7.25
CA GLU A 8 -5.03 -1.83 -6.59
C GLU A 8 -4.63 -1.78 -5.10
N ASP A 9 -4.01 -2.89 -4.66
CA ASP A 9 -3.21 -2.98 -3.44
C ASP A 9 -1.91 -2.18 -3.57
N TRP A 10 -1.33 -1.85 -2.41
CA TRP A 10 -0.11 -1.05 -2.29
C TRP A 10 0.95 -1.83 -1.51
N LEU A 11 2.20 -1.37 -1.61
CA LEU A 11 3.36 -2.01 -0.98
C LEU A 11 3.92 -1.04 0.07
N CYS A 12 4.04 -1.50 1.32
CA CYS A 12 4.50 -0.69 2.48
C CYS A 12 5.96 -0.22 2.32
N ASN A 13 6.25 0.91 2.97
CA ASN A 13 7.60 1.50 3.05
C ASN A 13 8.28 1.10 4.38
N LYS A 14 7.48 0.77 5.41
CA LYS A 14 8.00 0.31 6.71
C LYS A 14 8.24 -1.22 6.72
N CYS A 15 7.16 -2.05 6.78
CA CYS A 15 7.30 -3.52 6.84
C CYS A 15 7.48 -4.16 5.45
N GLY A 16 6.98 -3.46 4.41
CA GLY A 16 7.08 -3.93 3.03
C GLY A 16 6.01 -4.96 2.66
N VAL A 17 4.87 -4.94 3.37
CA VAL A 17 3.79 -5.91 3.14
C VAL A 17 2.95 -5.54 1.89
N GLN A 18 2.57 -6.59 1.14
CA GLN A 18 1.54 -6.51 0.09
C GLN A 18 0.20 -6.77 0.77
N ASN A 19 -0.67 -5.74 0.82
CA ASN A 19 -1.94 -5.81 1.55
C ASN A 19 -3.08 -6.35 0.66
N PHE A 20 -4.25 -6.54 1.27
CA PHE A 20 -5.50 -6.93 0.61
C PHE A 20 -6.27 -5.67 0.09
N LYS A 21 -5.52 -4.73 -0.53
CA LYS A 21 -5.97 -3.42 -1.10
C LYS A 21 -6.77 -2.49 -0.13
N ARG A 22 -7.91 -2.97 0.41
CA ARG A 22 -8.73 -2.25 1.41
C ARG A 22 -8.15 -2.35 2.83
N ARG A 23 -6.89 -1.94 2.95
CA ARG A 23 -6.24 -1.58 4.19
C ARG A 23 -5.75 -0.15 3.99
N GLU A 24 -6.26 0.78 4.79
CA GLU A 24 -5.82 2.19 4.75
C GLU A 24 -4.53 2.38 5.57
N LYS A 25 -4.12 1.31 6.28
CA LYS A 25 -2.81 1.17 6.94
C LYS A 25 -2.33 -0.29 6.83
N CYS A 26 -1.04 -0.54 7.09
CA CYS A 26 -0.49 -1.92 7.16
C CYS A 26 -1.22 -2.72 8.24
N PHE A 27 -1.52 -3.99 7.93
CA PHE A 27 -2.39 -4.85 8.78
C PHE A 27 -1.77 -5.17 10.16
N LYS A 28 -0.49 -4.79 10.36
CA LYS A 28 0.20 -4.99 11.65
C LYS A 28 1.14 -3.80 11.98
N CYS A 29 1.83 -3.25 10.96
CA CYS A 29 2.84 -2.21 11.15
C CYS A 29 2.21 -0.81 11.21
N GLY A 30 1.11 -0.63 10.47
CA GLY A 30 0.37 0.62 10.46
C GLY A 30 1.11 1.79 9.82
N VAL A 31 1.34 1.72 8.49
CA VAL A 31 1.70 2.90 7.69
C VAL A 31 0.48 3.32 6.86
N PRO A 32 0.10 4.63 6.82
CA PRO A 32 -1.03 5.08 5.99
C PRO A 32 -0.77 4.81 4.50
N LYS A 33 -1.80 4.33 3.77
CA LYS A 33 -1.76 4.14 2.32
C LYS A 33 -1.30 5.43 1.61
N SER A 34 -1.74 6.55 2.20
CA SER A 34 -1.36 7.92 1.80
C SER A 34 0.19 8.06 1.72
N GLU A 35 0.87 7.61 2.80
CA GLU A 35 2.35 7.68 2.95
C GLU A 35 3.05 6.38 2.53
N ALA A 36 2.28 5.35 2.16
CA ALA A 36 2.81 4.09 1.63
C ALA A 36 3.13 4.27 0.15
N GLU A 37 2.22 4.98 -0.53
CA GLU A 37 2.42 5.44 -1.89
C GLU A 37 3.40 6.61 -1.88
N GLN A 38 4.42 6.52 -2.76
CA GLN A 38 5.45 7.55 -2.95
C GLN A 38 4.79 8.87 -3.40
N LYS A 39 4.44 9.72 -2.41
CA LYS A 39 3.72 11.00 -2.59
C LYS A 39 2.24 10.74 -2.98
N LEU A 40 1.32 11.57 -2.45
CA LEU A 40 -0.12 11.48 -2.78
C LEU A 40 -0.34 11.84 -4.27
N PRO A 41 -1.27 11.14 -5.00
CA PRO A 41 -1.61 11.47 -6.39
C PRO A 41 -2.20 12.89 -6.50
N LEU A 42 -1.75 13.63 -7.52
CA LEU A 42 -2.12 15.05 -7.76
C LEU A 42 -3.66 15.23 -7.84
N GLY A 43 -4.19 16.19 -7.08
CA GLY A 43 -5.63 16.49 -7.05
C GLY A 43 -5.91 17.97 -6.79
N GLY A 1 -0.21 -13.53 -21.75
CA GLY A 1 0.51 -12.43 -21.10
C GLY A 1 -0.14 -12.02 -19.80
N HIS A 2 -0.49 -10.73 -19.67
CA HIS A 2 -1.05 -10.14 -18.44
C HIS A 2 -2.60 -10.15 -18.45
N MET A 3 -3.16 -9.96 -17.26
CA MET A 3 -4.62 -9.86 -17.03
C MET A 3 -5.00 -8.40 -16.70
N PRO A 4 -6.28 -7.96 -16.96
CA PRO A 4 -6.76 -6.59 -16.63
C PRO A 4 -6.56 -6.26 -15.14
N LYS A 5 -5.68 -5.28 -14.84
CA LYS A 5 -5.30 -4.90 -13.47
C LYS A 5 -6.51 -4.36 -12.69
N ILE A 6 -7.12 -5.24 -11.88
CA ILE A 6 -8.19 -4.87 -10.94
C ILE A 6 -7.61 -4.68 -9.52
N ASN A 7 -6.27 -4.79 -9.41
CA ASN A 7 -5.55 -4.58 -8.15
C ASN A 7 -5.47 -3.07 -7.82
N GLU A 8 -5.56 -2.76 -6.53
CA GLU A 8 -5.37 -1.39 -5.99
C GLU A 8 -4.39 -1.47 -4.78
N ASP A 9 -3.76 -2.65 -4.67
CA ASP A 9 -2.82 -3.03 -3.61
C ASP A 9 -1.60 -2.10 -3.62
N TRP A 10 -1.47 -1.33 -2.54
CA TRP A 10 -0.31 -0.45 -2.33
C TRP A 10 0.77 -1.21 -1.55
N LEU A 11 2.03 -0.96 -1.91
CA LEU A 11 3.21 -1.56 -1.27
C LEU A 11 3.71 -0.58 -0.19
N CYS A 12 3.99 -1.09 1.03
CA CYS A 12 4.50 -0.28 2.14
C CYS A 12 5.99 0.08 1.93
N ASN A 13 6.48 1.06 2.71
CA ASN A 13 7.91 1.43 2.75
C ASN A 13 8.40 1.48 4.21
N LYS A 14 7.47 1.29 5.18
CA LYS A 14 7.84 1.02 6.58
C LYS A 14 8.15 -0.48 6.74
N CYS A 15 7.10 -1.36 6.70
CA CYS A 15 7.33 -2.82 6.81
C CYS A 15 7.73 -3.40 5.45
N GLY A 16 7.18 -2.82 4.38
CA GLY A 16 7.48 -3.24 3.00
C GLY A 16 6.61 -4.40 2.52
N VAL A 17 5.42 -4.55 3.14
CA VAL A 17 4.46 -5.61 2.76
C VAL A 17 3.53 -5.12 1.63
N GLN A 18 2.75 -6.03 1.08
CA GLN A 18 1.64 -5.69 0.17
C GLN A 18 0.34 -5.82 0.97
N ASN A 19 -0.43 -4.72 1.10
CA ASN A 19 -1.78 -4.77 1.69
C ASN A 19 -2.75 -5.44 0.69
N PHE A 20 -3.91 -5.89 1.18
CA PHE A 20 -4.92 -6.62 0.38
C PHE A 20 -5.89 -5.63 -0.34
N LYS A 21 -5.36 -4.47 -0.78
CA LYS A 21 -6.08 -3.30 -1.40
C LYS A 21 -7.38 -2.84 -0.65
N ARG A 22 -7.65 -3.40 0.53
CA ARG A 22 -8.88 -3.14 1.30
C ARG A 22 -8.57 -2.36 2.59
N ARG A 23 -7.29 -2.31 2.95
CA ARG A 23 -6.81 -1.67 4.18
C ARG A 23 -6.23 -0.29 3.83
N GLU A 24 -6.56 0.72 4.63
CA GLU A 24 -5.99 2.08 4.48
C GLU A 24 -4.61 2.15 5.15
N LYS A 25 -4.38 1.24 6.12
CA LYS A 25 -3.10 1.06 6.82
C LYS A 25 -2.61 -0.38 6.62
N CYS A 26 -1.31 -0.62 6.85
CA CYS A 26 -0.73 -1.98 6.79
C CYS A 26 -1.38 -2.88 7.86
N PHE A 27 -1.53 -4.18 7.53
CA PHE A 27 -2.28 -5.15 8.35
C PHE A 27 -1.61 -5.42 9.72
N LYS A 28 -0.32 -5.03 9.86
CA LYS A 28 0.42 -5.20 11.11
C LYS A 28 1.21 -3.94 11.49
N CYS A 29 1.82 -3.27 10.48
CA CYS A 29 2.67 -2.10 10.72
C CYS A 29 1.83 -0.84 11.02
N GLY A 30 0.58 -0.82 10.51
CA GLY A 30 -0.37 0.25 10.80
C GLY A 30 0.02 1.60 10.19
N VAL A 31 0.85 1.57 9.13
CA VAL A 31 1.23 2.79 8.40
C VAL A 31 0.12 3.19 7.42
N PRO A 32 -0.42 4.44 7.52
CA PRO A 32 -1.38 4.96 6.52
C PRO A 32 -0.80 4.97 5.09
N LYS A 33 -1.68 4.71 4.12
CA LYS A 33 -1.34 4.64 2.69
C LYS A 33 -0.67 5.93 2.20
N SER A 34 -1.04 7.07 2.82
CA SER A 34 -0.49 8.40 2.50
C SER A 34 1.05 8.41 2.61
N GLU A 35 1.57 7.70 3.64
CA GLU A 35 3.03 7.58 3.89
C GLU A 35 3.62 6.38 3.13
N ALA A 36 2.75 5.48 2.66
CA ALA A 36 3.12 4.27 1.91
C ALA A 36 3.13 4.52 0.39
N GLU A 37 3.49 3.46 -0.36
CA GLU A 37 3.49 3.42 -1.83
C GLU A 37 4.46 4.47 -2.39
N GLN A 38 5.75 4.23 -2.10
CA GLN A 38 6.84 5.08 -2.58
C GLN A 38 7.15 4.69 -4.04
N LYS A 39 6.62 5.49 -4.95
CA LYS A 39 6.91 5.39 -6.39
C LYS A 39 7.69 6.63 -6.82
N LEU A 40 8.76 6.44 -7.61
CA LEU A 40 9.57 7.56 -8.14
C LEU A 40 8.80 8.29 -9.27
N PRO A 41 8.91 9.66 -9.35
CA PRO A 41 8.19 10.44 -10.39
C PRO A 41 8.93 10.45 -11.74
N LEU A 42 8.18 10.23 -12.83
CA LEU A 42 8.70 10.35 -14.22
C LEU A 42 8.89 11.84 -14.55
N GLY A 43 10.04 12.40 -14.12
CA GLY A 43 10.34 13.82 -14.27
C GLY A 43 10.97 14.14 -15.63
N GLY A 1 6.27 -12.57 -5.67
CA GLY A 1 6.97 -11.42 -6.27
C GLY A 1 6.75 -10.11 -5.50
N HIS A 2 7.85 -9.40 -5.17
CA HIS A 2 7.82 -8.12 -4.46
C HIS A 2 7.46 -6.97 -5.44
N MET A 3 6.14 -6.78 -5.65
CA MET A 3 5.57 -5.71 -6.52
C MET A 3 4.01 -5.75 -6.48
N PRO A 4 3.33 -4.56 -6.54
CA PRO A 4 1.88 -4.49 -6.81
C PRO A 4 1.62 -4.64 -8.33
N LYS A 5 0.98 -5.74 -8.72
CA LYS A 5 0.78 -6.13 -10.14
C LYS A 5 -0.47 -5.44 -10.77
N ILE A 6 -0.49 -4.09 -10.69
CA ILE A 6 -1.62 -3.24 -11.13
C ILE A 6 -2.92 -3.62 -10.38
N ASN A 7 -3.06 -3.05 -9.17
CA ASN A 7 -4.23 -3.26 -8.30
C ASN A 7 -4.23 -2.18 -7.19
N GLU A 8 -5.34 -2.07 -6.44
CA GLU A 8 -5.46 -1.16 -5.26
C GLU A 8 -4.46 -1.58 -4.14
N ASP A 9 -3.89 -2.81 -4.25
CA ASP A 9 -2.73 -3.24 -3.46
C ASP A 9 -1.55 -2.28 -3.62
N TRP A 10 -0.89 -2.04 -2.50
CA TRP A 10 0.26 -1.16 -2.38
C TRP A 10 1.30 -1.90 -1.54
N LEU A 11 2.58 -1.66 -1.86
CA LEU A 11 3.70 -2.25 -1.13
C LEU A 11 4.09 -1.23 -0.03
N CYS A 12 4.27 -1.70 1.21
CA CYS A 12 4.65 -0.85 2.34
C CYS A 12 6.13 -0.43 2.24
N ASN A 13 6.46 0.58 3.04
CA ASN A 13 7.79 1.19 3.14
C ASN A 13 8.37 0.98 4.55
N LYS A 14 7.47 0.84 5.54
CA LYS A 14 7.83 0.62 6.96
C LYS A 14 8.08 -0.88 7.26
N CYS A 15 7.05 -1.76 7.08
CA CYS A 15 7.25 -3.23 7.22
C CYS A 15 7.68 -3.83 5.87
N GLY A 16 7.10 -3.30 4.79
CA GLY A 16 7.40 -3.75 3.43
C GLY A 16 6.51 -4.91 2.98
N VAL A 17 5.25 -4.93 3.47
CA VAL A 17 4.28 -6.03 3.17
C VAL A 17 3.31 -5.65 2.03
N GLN A 18 2.48 -6.64 1.66
CA GLN A 18 1.37 -6.49 0.70
C GLN A 18 0.05 -6.64 1.48
N ASN A 19 -0.86 -5.68 1.30
CA ASN A 19 -2.12 -5.58 2.09
C ASN A 19 -3.26 -6.35 1.37
N PHE A 20 -4.54 -6.04 1.71
CA PHE A 20 -5.71 -6.72 1.11
C PHE A 20 -6.52 -5.74 0.21
N LYS A 21 -5.78 -4.88 -0.56
CA LYS A 21 -6.30 -3.86 -1.55
C LYS A 21 -7.51 -3.04 -1.03
N ARG A 22 -7.55 -2.83 0.29
CA ARG A 22 -8.65 -2.11 0.96
C ARG A 22 -8.15 -1.61 2.31
N ARG A 23 -7.22 -2.39 2.91
CA ARG A 23 -6.41 -1.94 4.05
C ARG A 23 -5.72 -0.64 3.69
N GLU A 24 -6.23 0.47 4.25
CA GLU A 24 -5.60 1.78 4.10
C GLU A 24 -4.22 1.73 4.76
N LYS A 25 -4.18 1.23 5.99
CA LYS A 25 -2.92 1.01 6.73
C LYS A 25 -2.51 -0.46 6.64
N CYS A 26 -1.23 -0.75 6.92
CA CYS A 26 -0.69 -2.13 6.94
C CYS A 26 -1.39 -3.01 8.00
N PHE A 27 -1.32 -4.34 7.81
CA PHE A 27 -2.10 -5.32 8.60
C PHE A 27 -1.44 -5.65 9.97
N LYS A 28 -0.35 -4.94 10.28
CA LYS A 28 0.48 -5.18 11.46
C LYS A 28 1.23 -3.89 11.83
N CYS A 29 1.95 -3.33 10.84
CA CYS A 29 2.86 -2.20 11.03
C CYS A 29 2.12 -0.92 11.43
N GLY A 30 1.37 -0.31 10.48
CA GLY A 30 0.50 0.83 10.78
C GLY A 30 0.51 1.95 9.73
N VAL A 31 1.54 1.98 8.84
CA VAL A 31 1.66 3.05 7.82
C VAL A 31 0.47 3.00 6.82
N PRO A 32 -0.22 4.15 6.55
CA PRO A 32 -1.27 4.21 5.53
C PRO A 32 -0.71 4.22 4.10
N LYS A 33 -1.60 3.93 3.13
CA LYS A 33 -1.30 3.96 1.69
C LYS A 33 -0.96 5.40 1.27
N SER A 34 -1.67 6.34 1.91
CA SER A 34 -1.51 7.78 1.70
C SER A 34 -0.09 8.29 2.06
N GLU A 35 0.73 7.44 2.73
CA GLU A 35 2.14 7.76 3.05
C GLU A 35 3.10 6.65 2.54
N ALA A 36 2.53 5.48 2.14
CA ALA A 36 3.31 4.36 1.57
C ALA A 36 3.68 4.64 0.10
N GLU A 37 2.74 5.28 -0.61
CA GLU A 37 2.94 5.75 -2.00
C GLU A 37 3.85 6.99 -2.00
N GLN A 38 4.55 7.24 -3.11
CA GLN A 38 5.33 8.48 -3.32
C GLN A 38 4.34 9.62 -3.66
N LYS A 39 4.05 10.47 -2.67
CA LYS A 39 3.06 11.56 -2.81
C LYS A 39 3.70 12.83 -3.38
N LEU A 40 2.87 13.59 -4.08
CA LEU A 40 3.25 14.81 -4.81
C LEU A 40 3.49 15.98 -3.82
N PRO A 41 4.22 17.08 -4.24
CA PRO A 41 4.38 18.32 -3.41
C PRO A 41 3.05 18.82 -2.79
N LEU A 42 3.04 18.95 -1.43
CA LEU A 42 1.85 19.36 -0.64
C LEU A 42 0.72 18.29 -0.73
N GLY A 43 -0.51 18.67 -0.31
CA GLY A 43 -1.67 17.77 -0.39
C GLY A 43 -2.88 18.32 0.37
N GLY A 1 -1.00 -12.72 5.28
CA GLY A 1 -2.26 -12.35 4.62
C GLY A 1 -2.98 -13.59 4.09
N HIS A 2 -4.24 -13.78 4.53
CA HIS A 2 -5.07 -14.96 4.16
C HIS A 2 -5.36 -14.97 2.64
N MET A 3 -5.76 -13.80 2.11
CA MET A 3 -6.13 -13.61 0.68
C MET A 3 -5.29 -12.47 0.07
N PRO A 4 -4.03 -12.77 -0.43
CA PRO A 4 -3.18 -11.76 -1.10
C PRO A 4 -3.76 -11.38 -2.48
N LYS A 5 -4.11 -10.09 -2.68
CA LYS A 5 -4.78 -9.62 -3.91
C LYS A 5 -4.05 -8.39 -4.49
N ILE A 6 -3.12 -8.68 -5.41
CA ILE A 6 -2.39 -7.67 -6.17
C ILE A 6 -3.33 -7.11 -7.27
N ASN A 7 -3.74 -5.84 -7.11
CA ASN A 7 -4.64 -5.15 -8.06
C ASN A 7 -4.64 -3.64 -7.76
N GLU A 8 -5.12 -3.27 -6.57
CA GLU A 8 -5.18 -1.86 -6.10
C GLU A 8 -4.46 -1.72 -4.74
N ASP A 9 -3.67 -2.75 -4.40
CA ASP A 9 -2.83 -2.77 -3.21
C ASP A 9 -1.71 -1.71 -3.27
N TRP A 10 -0.94 -1.65 -2.20
CA TRP A 10 0.16 -0.70 -2.05
C TRP A 10 1.25 -1.35 -1.20
N LEU A 11 2.50 -0.94 -1.47
CA LEU A 11 3.69 -1.51 -0.85
C LEU A 11 4.11 -0.60 0.32
N CYS A 12 4.17 -1.18 1.54
CA CYS A 12 4.55 -0.46 2.76
C CYS A 12 5.99 0.10 2.69
N ASN A 13 6.24 1.16 3.46
CA ASN A 13 7.56 1.83 3.56
C ASN A 13 8.40 1.24 4.71
N LYS A 14 7.70 0.77 5.78
CA LYS A 14 8.31 0.21 6.99
C LYS A 14 8.44 -1.32 6.92
N CYS A 15 7.31 -2.08 6.93
CA CYS A 15 7.36 -3.57 6.84
C CYS A 15 7.71 -4.00 5.40
N GLY A 16 7.17 -3.26 4.43
CA GLY A 16 7.38 -3.52 3.02
C GLY A 16 6.62 -4.74 2.55
N VAL A 17 5.28 -4.71 2.73
CA VAL A 17 4.39 -5.85 2.37
C VAL A 17 3.30 -5.42 1.38
N GLN A 18 2.70 -6.44 0.72
CA GLN A 18 1.50 -6.29 -0.09
C GLN A 18 0.29 -6.59 0.82
N ASN A 19 -0.62 -5.62 0.93
CA ASN A 19 -1.83 -5.74 1.78
C ASN A 19 -3.04 -6.16 0.93
N PHE A 20 -4.20 -6.29 1.59
CA PHE A 20 -5.47 -6.68 0.97
C PHE A 20 -6.18 -5.46 0.28
N LYS A 21 -5.38 -4.61 -0.42
CA LYS A 21 -5.80 -3.39 -1.17
C LYS A 21 -6.61 -2.32 -0.36
N ARG A 22 -7.81 -2.70 0.10
CA ARG A 22 -8.78 -1.81 0.79
C ARG A 22 -8.35 -1.42 2.20
N ARG A 23 -7.17 -1.88 2.63
CA ARG A 23 -6.56 -1.40 3.85
C ARG A 23 -6.07 0.05 3.63
N GLU A 24 -6.59 0.97 4.42
CA GLU A 24 -6.04 2.34 4.54
C GLU A 24 -4.64 2.26 5.15
N LYS A 25 -4.52 1.46 6.21
CA LYS A 25 -3.27 1.21 6.94
C LYS A 25 -2.94 -0.29 6.91
N CYS A 26 -1.62 -0.60 6.94
CA CYS A 26 -1.11 -1.98 6.94
C CYS A 26 -1.67 -2.78 8.13
N PHE A 27 -1.99 -4.06 7.83
CA PHE A 27 -2.68 -4.99 8.75
C PHE A 27 -1.83 -5.42 9.97
N LYS A 28 -0.59 -4.87 10.10
CA LYS A 28 0.28 -5.14 11.27
C LYS A 28 1.29 -3.99 11.51
N CYS A 29 1.76 -3.35 10.43
CA CYS A 29 2.79 -2.31 10.50
C CYS A 29 2.19 -0.91 10.69
N GLY A 30 0.88 -0.78 10.38
CA GLY A 30 0.07 0.38 10.72
C GLY A 30 0.50 1.68 10.04
N VAL A 31 1.11 1.59 8.85
CA VAL A 31 1.39 2.77 8.01
C VAL A 31 0.22 3.01 7.06
N PRO A 32 -0.31 4.27 6.94
CA PRO A 32 -1.30 4.59 5.90
C PRO A 32 -0.68 4.52 4.48
N LYS A 33 -1.55 4.21 3.51
CA LYS A 33 -1.23 4.15 2.08
C LYS A 33 -0.57 5.45 1.62
N SER A 34 -1.11 6.57 2.14
CA SER A 34 -0.72 7.94 1.78
C SER A 34 0.80 8.20 2.00
N GLU A 35 1.43 7.44 2.93
CA GLU A 35 2.89 7.58 3.21
C GLU A 35 3.71 6.41 2.61
N ALA A 36 3.03 5.29 2.34
CA ALA A 36 3.69 4.05 1.89
C ALA A 36 4.07 4.13 0.40
N GLU A 37 3.06 4.45 -0.44
CA GLU A 37 3.28 4.72 -1.87
C GLU A 37 3.51 6.24 -2.05
N GLN A 38 4.26 6.59 -3.11
CA GLN A 38 4.66 7.97 -3.40
C GLN A 38 3.87 8.50 -4.61
N LYS A 39 3.12 9.62 -4.42
CA LYS A 39 2.49 10.36 -5.53
C LYS A 39 3.60 11.13 -6.27
N LEU A 40 4.28 10.42 -7.21
CA LEU A 40 5.50 10.89 -7.93
C LEU A 40 6.70 11.07 -6.95
N PRO A 41 7.98 10.79 -7.40
CA PRO A 41 9.18 10.92 -6.53
C PRO A 41 9.45 12.37 -6.05
N LEU A 42 8.88 13.37 -6.77
CA LEU A 42 8.96 14.80 -6.38
C LEU A 42 8.01 15.12 -5.21
N GLY A 43 6.87 14.39 -5.13
CA GLY A 43 5.89 14.56 -4.06
C GLY A 43 4.82 15.62 -4.37
N GLY A 1 1.25 -11.77 -20.96
CA GLY A 1 2.65 -11.31 -21.10
C GLY A 1 3.56 -11.83 -19.99
N HIS A 2 3.51 -11.18 -18.80
CA HIS A 2 4.41 -11.50 -17.66
C HIS A 2 3.91 -10.81 -16.35
N MET A 3 2.59 -10.91 -16.10
CA MET A 3 1.86 -10.25 -14.97
C MET A 3 2.15 -8.72 -14.85
N PRO A 4 1.36 -7.83 -15.57
CA PRO A 4 1.50 -6.35 -15.47
C PRO A 4 1.28 -5.85 -14.03
N LYS A 5 0.12 -6.23 -13.46
CA LYS A 5 -0.19 -6.09 -12.02
C LYS A 5 -1.45 -6.92 -11.72
N ILE A 6 -1.26 -8.07 -11.03
CA ILE A 6 -2.36 -8.86 -10.46
C ILE A 6 -3.01 -8.08 -9.31
N ASN A 7 -2.14 -7.37 -8.57
CA ASN A 7 -2.50 -6.54 -7.42
C ASN A 7 -2.87 -5.12 -7.87
N GLU A 8 -3.90 -4.55 -7.22
CA GLU A 8 -4.30 -3.14 -7.39
C GLU A 8 -4.09 -2.36 -6.06
N ASP A 9 -3.63 -3.07 -5.02
CA ASP A 9 -3.34 -2.51 -3.69
C ASP A 9 -2.08 -1.60 -3.70
N TRP A 10 -1.72 -1.12 -2.50
CA TRP A 10 -0.53 -0.30 -2.27
C TRP A 10 0.53 -1.11 -1.51
N LEU A 11 1.79 -0.72 -1.70
CA LEU A 11 2.95 -1.41 -1.12
C LEU A 11 3.59 -0.48 -0.07
N CYS A 12 3.80 -0.99 1.15
CA CYS A 12 4.44 -0.23 2.24
C CYS A 12 5.91 0.10 1.92
N ASN A 13 6.43 1.19 2.50
CA ASN A 13 7.86 1.56 2.40
C ASN A 13 8.60 1.13 3.69
N LYS A 14 7.84 0.94 4.79
CA LYS A 14 8.39 0.60 6.11
C LYS A 14 8.55 -0.92 6.30
N CYS A 15 7.42 -1.66 6.41
CA CYS A 15 7.48 -3.13 6.53
C CYS A 15 7.65 -3.78 5.15
N GLY A 16 7.13 -3.08 4.11
CA GLY A 16 7.20 -3.54 2.73
C GLY A 16 6.25 -4.71 2.47
N VAL A 17 4.99 -4.57 2.95
CA VAL A 17 3.97 -5.62 2.80
C VAL A 17 2.93 -5.26 1.73
N GLN A 18 2.16 -6.28 1.36
CA GLN A 18 1.03 -6.21 0.42
C GLN A 18 -0.27 -6.25 1.23
N ASN A 19 -1.11 -5.22 1.12
CA ASN A 19 -2.44 -5.20 1.78
C ASN A 19 -3.51 -5.70 0.78
N PHE A 20 -4.81 -5.59 1.14
CA PHE A 20 -5.93 -5.96 0.25
C PHE A 20 -6.61 -4.68 -0.33
N LYS A 21 -5.79 -3.67 -0.66
CA LYS A 21 -6.21 -2.36 -1.19
C LYS A 21 -7.08 -1.54 -0.21
N ARG A 22 -8.32 -2.02 0.03
CA ARG A 22 -9.28 -1.47 1.03
C ARG A 22 -8.63 -1.15 2.38
N ARG A 23 -7.65 -2.00 2.79
CA ARG A 23 -6.86 -1.80 4.01
C ARG A 23 -6.16 -0.45 3.93
N GLU A 24 -6.70 0.53 4.66
CA GLU A 24 -6.27 1.94 4.59
C GLU A 24 -4.93 2.12 5.32
N LYS A 25 -4.62 1.18 6.23
CA LYS A 25 -3.34 1.10 6.95
C LYS A 25 -2.79 -0.33 6.80
N CYS A 26 -1.45 -0.51 6.93
CA CYS A 26 -0.80 -1.83 6.92
C CYS A 26 -1.32 -2.68 8.10
N PHE A 27 -1.66 -3.93 7.79
CA PHE A 27 -2.29 -4.90 8.73
C PHE A 27 -1.39 -5.25 9.94
N LYS A 28 -0.10 -4.94 9.85
CA LYS A 28 0.91 -5.35 10.86
C LYS A 28 1.81 -4.18 11.30
N CYS A 29 2.26 -3.37 10.32
CA CYS A 29 3.12 -2.21 10.59
C CYS A 29 2.31 -1.00 11.04
N GLY A 30 1.16 -0.78 10.38
CA GLY A 30 0.25 0.31 10.73
C GLY A 30 0.59 1.64 10.06
N VAL A 31 1.40 1.61 8.99
CA VAL A 31 1.64 2.82 8.19
C VAL A 31 0.34 3.19 7.42
N PRO A 32 -0.13 4.47 7.52
CA PRO A 32 -1.24 4.94 6.68
C PRO A 32 -0.82 4.95 5.19
N LYS A 33 -1.77 4.64 4.31
CA LYS A 33 -1.59 4.68 2.84
C LYS A 33 -1.10 6.08 2.38
N SER A 34 -1.55 7.09 3.13
CA SER A 34 -1.19 8.49 2.92
C SER A 34 0.35 8.69 3.02
N GLU A 35 0.99 7.89 3.88
CA GLU A 35 2.47 7.91 4.09
C GLU A 35 3.17 6.73 3.36
N ALA A 36 2.37 5.71 2.98
CA ALA A 36 2.87 4.49 2.29
C ALA A 36 3.17 4.76 0.80
N GLU A 37 3.33 3.66 0.01
CA GLU A 37 3.60 3.71 -1.44
C GLU A 37 5.01 4.31 -1.70
N GLN A 38 5.27 4.67 -2.96
CA GLN A 38 6.46 5.43 -3.35
C GLN A 38 6.16 6.94 -3.19
N LYS A 39 6.07 7.39 -1.92
CA LYS A 39 5.64 8.75 -1.58
C LYS A 39 6.57 9.37 -0.53
N LEU A 40 6.91 10.66 -0.73
CA LEU A 40 7.97 11.41 0.01
C LEU A 40 9.38 10.83 -0.31
N PRO A 41 10.45 11.69 -0.44
CA PRO A 41 11.85 11.21 -0.60
C PRO A 41 12.32 10.45 0.66
N LEU A 42 11.77 10.88 1.82
CA LEU A 42 12.03 10.27 3.12
C LEU A 42 11.37 8.88 3.21
N GLY A 43 10.04 8.84 2.93
CA GLY A 43 9.24 7.63 3.07
C GLY A 43 8.84 7.39 4.54
N GLY A 1 -13.24 -12.08 -16.27
CA GLY A 1 -12.63 -13.09 -15.35
C GLY A 1 -13.36 -13.13 -14.01
N HIS A 2 -12.77 -13.86 -13.02
CA HIS A 2 -13.37 -14.04 -11.67
C HIS A 2 -12.91 -12.94 -10.69
N MET A 3 -12.36 -11.82 -11.22
CA MET A 3 -11.87 -10.68 -10.42
C MET A 3 -12.58 -9.37 -10.88
N PRO A 4 -13.80 -9.07 -10.32
CA PRO A 4 -14.46 -7.75 -10.50
C PRO A 4 -13.61 -6.61 -9.87
N LYS A 5 -12.88 -6.97 -8.78
CA LYS A 5 -11.88 -6.08 -8.17
C LYS A 5 -10.59 -6.09 -9.01
N ILE A 6 -9.78 -5.04 -8.88
CA ILE A 6 -8.46 -4.97 -9.50
C ILE A 6 -7.42 -5.32 -8.42
N ASN A 7 -7.44 -4.52 -7.33
CA ASN A 7 -6.49 -4.60 -6.20
C ASN A 7 -5.05 -4.72 -6.66
N GLU A 8 -4.56 -3.63 -7.25
CA GLU A 8 -3.14 -3.47 -7.61
C GLU A 8 -2.26 -3.46 -6.33
N ASP A 9 -2.87 -3.00 -5.20
CA ASP A 9 -2.26 -2.96 -3.86
C ASP A 9 -1.03 -2.03 -3.77
N TRP A 10 -0.74 -1.62 -2.54
CA TRP A 10 0.42 -0.83 -2.16
C TRP A 10 1.35 -1.70 -1.31
N LEU A 11 2.60 -1.81 -1.75
CA LEU A 11 3.67 -2.48 -1.01
C LEU A 11 4.27 -1.42 -0.07
N CYS A 12 4.28 -1.66 1.25
CA CYS A 12 4.79 -0.66 2.24
C CYS A 12 6.28 -0.37 2.01
N ASN A 13 6.67 0.83 2.42
CA ASN A 13 8.05 1.34 2.30
C ASN A 13 8.86 1.03 3.57
N LYS A 14 8.16 0.62 4.65
CA LYS A 14 8.74 0.35 5.99
C LYS A 14 8.64 -1.14 6.32
N CYS A 15 7.41 -1.65 6.61
CA CYS A 15 7.24 -3.08 6.94
C CYS A 15 7.41 -3.94 5.67
N GLY A 16 7.15 -3.31 4.51
CA GLY A 16 7.35 -3.91 3.19
C GLY A 16 6.41 -5.04 2.90
N VAL A 17 5.18 -4.95 3.45
CA VAL A 17 4.18 -6.03 3.37
C VAL A 17 3.19 -5.81 2.21
N GLN A 18 2.65 -6.93 1.70
CA GLN A 18 1.59 -6.93 0.68
C GLN A 18 0.24 -6.94 1.41
N ASN A 19 -0.56 -5.89 1.20
CA ASN A 19 -1.87 -5.68 1.86
C ASN A 19 -2.99 -6.05 0.86
N PHE A 20 -4.18 -5.41 0.95
CA PHE A 20 -5.34 -5.77 0.11
C PHE A 20 -5.89 -4.51 -0.64
N LYS A 21 -5.02 -3.50 -0.82
CA LYS A 21 -5.34 -2.16 -1.36
C LYS A 21 -6.38 -1.38 -0.52
N ARG A 22 -7.60 -1.95 -0.40
CA ARG A 22 -8.69 -1.48 0.49
C ARG A 22 -8.23 -1.33 1.97
N ARG A 23 -7.07 -1.92 2.28
CA ARG A 23 -6.31 -1.60 3.49
C ARG A 23 -5.98 -0.10 3.53
N GLU A 24 -6.67 0.61 4.43
CA GLU A 24 -6.38 2.02 4.75
C GLU A 24 -4.96 2.10 5.35
N LYS A 25 -4.68 1.14 6.25
CA LYS A 25 -3.39 1.01 6.95
C LYS A 25 -2.78 -0.37 6.69
N CYS A 26 -1.46 -0.48 6.96
CA CYS A 26 -0.71 -1.76 6.94
C CYS A 26 -1.33 -2.73 7.97
N PHE A 27 -1.35 -4.03 7.62
CA PHE A 27 -2.07 -5.07 8.40
C PHE A 27 -1.45 -5.29 9.80
N LYS A 28 -0.25 -4.74 10.04
CA LYS A 28 0.46 -4.89 11.33
C LYS A 28 1.25 -3.63 11.70
N CYS A 29 1.90 -2.99 10.70
CA CYS A 29 2.68 -1.77 10.91
C CYS A 29 1.75 -0.56 11.16
N GLY A 30 0.49 -0.66 10.66
CA GLY A 30 -0.58 0.30 11.00
C GLY A 30 -0.37 1.71 10.46
N VAL A 31 0.53 1.86 9.49
CA VAL A 31 0.79 3.14 8.83
C VAL A 31 -0.29 3.38 7.75
N PRO A 32 -0.92 4.59 7.68
CA PRO A 32 -1.82 4.93 6.56
C PRO A 32 -1.09 4.83 5.20
N LYS A 33 -1.88 4.46 4.18
CA LYS A 33 -1.42 4.24 2.79
C LYS A 33 -0.71 5.48 2.20
N SER A 34 -1.04 6.66 2.74
CA SER A 34 -0.43 7.96 2.37
C SER A 34 1.10 7.92 2.50
N GLU A 35 1.59 7.37 3.62
CA GLU A 35 3.03 7.22 3.90
C GLU A 35 3.45 5.77 3.55
N ALA A 36 3.33 5.46 2.25
CA ALA A 36 3.67 4.15 1.68
C ALA A 36 3.61 4.24 0.14
N GLU A 37 2.59 4.95 -0.35
CA GLU A 37 2.44 5.31 -1.77
C GLU A 37 3.25 6.57 -2.09
N GLN A 38 3.88 6.59 -3.28
CA GLN A 38 4.47 7.82 -3.86
C GLN A 38 3.33 8.76 -4.30
N LYS A 39 3.68 10.04 -4.48
CA LYS A 39 2.71 11.12 -4.78
C LYS A 39 1.71 11.27 -3.60
N LEU A 40 2.17 11.93 -2.53
CA LEU A 40 1.41 12.09 -1.28
C LEU A 40 0.31 13.17 -1.47
N PRO A 41 -0.83 13.11 -0.69
CA PRO A 41 -1.93 14.10 -0.81
C PRO A 41 -1.53 15.52 -0.33
N LEU A 42 -0.83 16.27 -1.20
CA LEU A 42 -0.46 17.69 -0.96
C LEU A 42 -1.60 18.58 -1.53
N GLY A 43 -2.65 18.77 -0.72
CA GLY A 43 -3.83 19.54 -1.11
C GLY A 43 -4.61 20.07 0.10
N GLY A 1 -0.83 -19.45 -14.86
CA GLY A 1 -1.60 -19.21 -13.61
C GLY A 1 -2.89 -18.47 -13.86
N HIS A 2 -2.78 -17.14 -14.07
CA HIS A 2 -3.91 -16.21 -14.28
C HIS A 2 -4.85 -16.19 -13.06
N MET A 3 -4.30 -15.76 -11.91
CA MET A 3 -5.07 -15.58 -10.67
C MET A 3 -5.86 -14.25 -10.75
N PRO A 4 -7.14 -14.21 -10.24
CA PRO A 4 -7.95 -12.97 -10.19
C PRO A 4 -7.28 -11.85 -9.36
N LYS A 5 -6.93 -10.74 -10.04
CA LYS A 5 -6.26 -9.59 -9.41
C LYS A 5 -7.32 -8.54 -9.01
N ILE A 6 -7.72 -8.57 -7.74
CA ILE A 6 -8.71 -7.64 -7.18
C ILE A 6 -7.97 -6.39 -6.64
N ASN A 7 -8.27 -5.20 -7.20
CA ASN A 7 -7.60 -3.90 -6.88
C ASN A 7 -6.11 -3.88 -7.31
N GLU A 8 -5.52 -2.67 -7.33
CA GLU A 8 -4.11 -2.44 -7.72
C GLU A 8 -3.17 -2.74 -6.54
N ASP A 9 -3.68 -2.57 -5.30
CA ASP A 9 -2.94 -2.81 -4.02
C ASP A 9 -1.74 -1.88 -3.81
N TRP A 10 -1.01 -2.09 -2.69
CA TRP A 10 0.19 -1.31 -2.33
C TRP A 10 1.20 -2.16 -1.54
N LEU A 11 2.41 -1.61 -1.40
CA LEU A 11 3.56 -2.25 -0.72
C LEU A 11 4.00 -1.29 0.41
N CYS A 12 4.12 -1.81 1.64
CA CYS A 12 4.57 -1.06 2.83
C CYS A 12 6.00 -0.50 2.68
N ASN A 13 6.28 0.61 3.41
CA ASN A 13 7.62 1.22 3.46
C ASN A 13 8.32 0.89 4.79
N LYS A 14 7.53 0.68 5.86
CA LYS A 14 8.04 0.34 7.20
C LYS A 14 8.40 -1.16 7.30
N CYS A 15 7.36 -2.05 7.36
CA CYS A 15 7.59 -3.50 7.39
C CYS A 15 8.08 -4.04 6.02
N GLY A 16 7.57 -3.40 4.95
CA GLY A 16 7.94 -3.77 3.57
C GLY A 16 7.22 -5.02 3.08
N VAL A 17 5.97 -5.23 3.55
CA VAL A 17 5.11 -6.37 3.11
C VAL A 17 4.08 -5.90 2.07
N GLN A 18 3.39 -6.87 1.43
CA GLN A 18 2.31 -6.57 0.49
C GLN A 18 0.98 -6.46 1.26
N ASN A 19 0.25 -5.37 1.05
CA ASN A 19 -1.11 -5.16 1.59
C ASN A 19 -2.10 -4.91 0.45
N PHE A 20 -3.32 -5.42 0.63
CA PHE A 20 -4.45 -5.14 -0.28
C PHE A 20 -4.78 -3.62 -0.21
N LYS A 21 -5.32 -3.05 -1.30
CA LYS A 21 -5.50 -1.58 -1.43
C LYS A 21 -6.50 -1.02 -0.42
N ARG A 22 -7.41 -1.87 0.06
CA ARG A 22 -8.47 -1.48 1.01
C ARG A 22 -7.95 -1.57 2.46
N ARG A 23 -6.70 -2.06 2.64
CA ARG A 23 -5.91 -1.77 3.84
C ARG A 23 -5.61 -0.27 3.82
N GLU A 24 -6.40 0.50 4.56
CA GLU A 24 -6.22 1.95 4.71
C GLU A 24 -4.88 2.21 5.45
N LYS A 25 -4.57 1.30 6.38
CA LYS A 25 -3.26 1.18 7.04
C LYS A 25 -2.79 -0.29 6.89
N CYS A 26 -1.47 -0.55 7.03
CA CYS A 26 -0.93 -1.93 7.03
C CYS A 26 -1.56 -2.75 8.17
N PHE A 27 -1.94 -3.99 7.86
CA PHE A 27 -2.76 -4.85 8.74
C PHE A 27 -2.09 -5.13 10.11
N LYS A 28 -0.76 -4.92 10.20
CA LYS A 28 0.01 -5.15 11.44
C LYS A 28 1.01 -4.02 11.72
N CYS A 29 1.66 -3.49 10.66
CA CYS A 29 2.70 -2.47 10.78
C CYS A 29 2.11 -1.06 10.94
N GLY A 30 0.85 -0.89 10.46
CA GLY A 30 0.06 0.30 10.69
C GLY A 30 0.49 1.53 9.89
N VAL A 31 1.34 1.35 8.85
CA VAL A 31 1.70 2.46 7.95
C VAL A 31 0.48 2.87 7.11
N PRO A 32 0.02 4.16 7.19
CA PRO A 32 -1.11 4.65 6.39
C PRO A 32 -0.76 4.67 4.90
N LYS A 33 -1.77 4.47 4.05
CA LYS A 33 -1.64 4.55 2.59
C LYS A 33 -1.28 6.00 2.17
N SER A 34 -1.57 6.98 3.07
CA SER A 34 -1.20 8.39 2.91
C SER A 34 0.32 8.57 2.78
N GLU A 35 1.09 7.75 3.52
CA GLU A 35 2.57 7.75 3.51
C GLU A 35 3.14 6.60 2.66
N ALA A 36 2.25 5.71 2.18
CA ALA A 36 2.59 4.62 1.25
C ALA A 36 2.33 5.05 -0.21
N GLU A 37 2.76 4.18 -1.16
CA GLU A 37 2.72 4.39 -2.62
C GLU A 37 3.57 5.60 -3.07
N GLN A 38 4.35 5.40 -4.16
CA GLN A 38 5.09 6.49 -4.82
C GLN A 38 4.07 7.35 -5.57
N LYS A 39 3.59 8.41 -4.88
CA LYS A 39 2.46 9.28 -5.33
C LYS A 39 1.12 8.50 -5.28
N LEU A 40 0.18 8.95 -4.43
CA LEU A 40 -1.15 8.30 -4.26
C LEU A 40 -2.07 8.53 -5.50
N PRO A 41 -3.13 7.67 -5.69
CA PRO A 41 -4.20 7.95 -6.68
C PRO A 41 -4.97 9.23 -6.30
N LEU A 42 -5.02 10.19 -7.24
CA LEU A 42 -5.69 11.50 -7.05
C LEU A 42 -7.21 11.28 -6.90
N GLY A 43 -7.76 10.46 -7.80
CA GLY A 43 -9.16 10.04 -7.73
C GLY A 43 -9.30 8.67 -7.05
N GLY A 1 -0.49 -18.74 -10.50
CA GLY A 1 0.47 -17.64 -10.80
C GLY A 1 -0.14 -16.28 -10.49
N HIS A 2 0.52 -15.23 -10.98
CA HIS A 2 0.06 -13.83 -10.84
C HIS A 2 0.18 -13.11 -12.20
N MET A 3 -0.86 -12.36 -12.59
CA MET A 3 -0.81 -11.44 -13.75
C MET A 3 0.10 -10.22 -13.39
N PRO A 4 0.72 -9.50 -14.41
CA PRO A 4 1.59 -8.30 -14.17
C PRO A 4 0.98 -7.29 -13.17
N LYS A 5 -0.35 -7.13 -13.26
CA LYS A 5 -1.14 -6.40 -12.26
C LYS A 5 -2.59 -6.93 -12.27
N ILE A 6 -2.87 -7.87 -11.36
CA ILE A 6 -4.25 -8.35 -11.08
C ILE A 6 -4.72 -7.80 -9.71
N ASN A 7 -3.76 -7.26 -8.93
CA ASN A 7 -4.04 -6.65 -7.61
C ASN A 7 -3.75 -5.14 -7.68
N GLU A 8 -4.72 -4.31 -7.23
CA GLU A 8 -4.65 -2.84 -7.36
C GLU A 8 -4.23 -2.19 -6.01
N ASP A 9 -3.72 -3.03 -5.10
CA ASP A 9 -3.28 -2.65 -3.75
C ASP A 9 -2.06 -1.70 -3.78
N TRP A 10 -1.68 -1.26 -2.59
CA TRP A 10 -0.47 -0.46 -2.37
C TRP A 10 0.59 -1.30 -1.64
N LEU A 11 1.83 -0.88 -1.78
CA LEU A 11 3.01 -1.53 -1.19
C LEU A 11 3.55 -0.57 -0.12
N CYS A 12 3.92 -1.10 1.06
CA CYS A 12 4.43 -0.27 2.17
C CYS A 12 5.89 0.15 1.93
N ASN A 13 6.39 1.05 2.79
CA ASN A 13 7.79 1.51 2.80
C ASN A 13 8.46 1.13 4.15
N LYS A 14 7.63 1.07 5.23
CA LYS A 14 8.10 0.68 6.56
C LYS A 14 8.34 -0.85 6.62
N CYS A 15 7.27 -1.67 6.47
CA CYS A 15 7.40 -3.12 6.39
C CYS A 15 7.72 -3.57 4.96
N GLY A 16 7.05 -2.93 3.98
CA GLY A 16 7.18 -3.28 2.58
C GLY A 16 6.25 -4.42 2.15
N VAL A 17 5.08 -4.53 2.80
CA VAL A 17 4.08 -5.59 2.50
C VAL A 17 3.03 -5.10 1.48
N GLN A 18 2.46 -6.06 0.74
CA GLN A 18 1.26 -5.84 -0.08
C GLN A 18 0.02 -6.10 0.80
N ASN A 19 -0.75 -5.04 1.07
CA ASN A 19 -2.05 -5.13 1.77
C ASN A 19 -3.17 -5.46 0.76
N PHE A 20 -4.44 -5.35 1.17
CA PHE A 20 -5.57 -5.72 0.31
C PHE A 20 -6.32 -4.46 -0.20
N LYS A 21 -5.55 -3.39 -0.49
CA LYS A 21 -6.06 -2.02 -0.87
C LYS A 21 -7.06 -1.41 0.16
N ARG A 22 -8.19 -2.10 0.34
CA ARG A 22 -9.22 -1.85 1.37
C ARG A 22 -8.60 -1.60 2.77
N ARG A 23 -7.46 -2.24 3.04
CA ARG A 23 -6.63 -1.92 4.22
C ARG A 23 -6.01 -0.53 4.00
N GLU A 24 -6.55 0.49 4.69
CA GLU A 24 -6.05 1.88 4.58
C GLU A 24 -4.61 1.94 5.15
N LYS A 25 -4.44 1.31 6.31
CA LYS A 25 -3.13 1.11 6.95
C LYS A 25 -2.63 -0.32 6.69
N CYS A 26 -1.32 -0.54 6.95
CA CYS A 26 -0.72 -1.87 6.97
C CYS A 26 -1.38 -2.72 8.08
N PHE A 27 -1.61 -4.01 7.78
CA PHE A 27 -2.33 -4.93 8.67
C PHE A 27 -1.57 -5.22 9.97
N LYS A 28 -0.24 -4.94 9.98
CA LYS A 28 0.61 -5.25 11.12
C LYS A 28 1.58 -4.08 11.45
N CYS A 29 2.08 -3.39 10.40
CA CYS A 29 3.06 -2.31 10.56
C CYS A 29 2.37 -0.95 10.86
N GLY A 30 1.10 -0.83 10.43
CA GLY A 30 0.23 0.31 10.80
C GLY A 30 0.58 1.64 10.15
N VAL A 31 1.16 1.62 8.93
CA VAL A 31 1.39 2.87 8.15
C VAL A 31 0.14 3.20 7.30
N PRO A 32 -0.43 4.45 7.38
CA PRO A 32 -1.52 4.87 6.47
C PRO A 32 -1.04 4.94 5.00
N LYS A 33 -1.97 4.70 4.07
CA LYS A 33 -1.69 4.69 2.61
C LYS A 33 -1.12 6.04 2.12
N SER A 34 -1.55 7.15 2.75
CA SER A 34 -1.05 8.51 2.44
C SER A 34 0.47 8.62 2.71
N GLU A 35 0.93 7.86 3.71
CA GLU A 35 2.34 7.81 4.13
C GLU A 35 3.00 6.48 3.70
N ALA A 36 2.29 5.72 2.85
CA ALA A 36 2.79 4.45 2.27
C ALA A 36 3.40 4.67 0.88
N GLU A 37 3.79 3.54 0.24
CA GLU A 37 4.20 3.49 -1.17
C GLU A 37 5.53 4.27 -1.40
N GLN A 38 6.02 4.30 -2.64
CA GLN A 38 7.12 5.17 -3.02
C GLN A 38 6.55 6.59 -3.18
N LYS A 39 6.90 7.47 -2.23
CA LYS A 39 6.43 8.87 -2.19
C LYS A 39 6.92 9.62 -3.44
N LEU A 40 5.99 10.30 -4.13
CA LEU A 40 6.32 11.16 -5.28
C LEU A 40 7.13 12.38 -4.79
N PRO A 41 8.14 12.86 -5.59
CA PRO A 41 8.93 14.07 -5.24
C PRO A 41 8.07 15.35 -5.17
N LEU A 42 6.92 15.32 -5.85
CA LEU A 42 5.90 16.38 -5.80
C LEU A 42 4.54 15.71 -6.04
N GLY A 43 3.56 16.05 -5.19
CA GLY A 43 2.20 15.53 -5.30
C GLY A 43 1.19 16.49 -4.66
N GLY A 1 8.51 -14.76 -4.08
CA GLY A 1 7.15 -14.66 -3.48
C GLY A 1 6.05 -15.03 -4.46
N HIS A 2 4.82 -14.57 -4.19
CA HIS A 2 3.64 -14.77 -5.05
C HIS A 2 2.66 -13.62 -4.80
N MET A 3 2.80 -12.53 -5.58
CA MET A 3 1.93 -11.35 -5.47
C MET A 3 0.57 -11.60 -6.16
N PRO A 4 -0.56 -11.08 -5.59
CA PRO A 4 -1.86 -11.04 -6.29
C PRO A 4 -1.87 -9.97 -7.40
N LYS A 5 -2.92 -10.00 -8.24
CA LYS A 5 -3.14 -9.01 -9.31
C LYS A 5 -3.44 -7.65 -8.66
N ILE A 6 -2.44 -6.76 -8.74
CA ILE A 6 -2.43 -5.46 -8.07
C ILE A 6 -3.57 -4.54 -8.59
N ASN A 7 -4.62 -4.39 -7.77
CA ASN A 7 -5.72 -3.43 -8.03
C ASN A 7 -5.30 -2.09 -7.42
N GLU A 8 -5.41 -2.00 -6.08
CA GLU A 8 -4.92 -0.87 -5.27
C GLU A 8 -3.89 -1.41 -4.24
N ASP A 9 -3.62 -2.74 -4.35
CA ASP A 9 -2.65 -3.48 -3.51
C ASP A 9 -1.28 -2.77 -3.54
N TRP A 10 -0.89 -2.24 -2.40
CA TRP A 10 0.34 -1.46 -2.24
C TRP A 10 1.35 -2.20 -1.35
N LEU A 11 2.59 -1.73 -1.43
CA LEU A 11 3.74 -2.27 -0.71
C LEU A 11 4.14 -1.22 0.34
N CYS A 12 4.37 -1.65 1.59
CA CYS A 12 4.75 -0.76 2.71
C CYS A 12 6.18 -0.21 2.53
N ASN A 13 6.52 0.82 3.33
CA ASN A 13 7.86 1.44 3.38
C ASN A 13 8.59 1.07 4.69
N LYS A 14 7.80 0.82 5.77
CA LYS A 14 8.32 0.41 7.09
C LYS A 14 8.53 -1.12 7.15
N CYS A 15 7.43 -1.92 7.19
CA CYS A 15 7.54 -3.39 7.29
C CYS A 15 7.85 -4.01 5.91
N GLY A 16 7.33 -3.36 4.86
CA GLY A 16 7.52 -3.81 3.49
C GLY A 16 6.52 -4.88 3.06
N VAL A 17 5.37 -4.98 3.77
CA VAL A 17 4.34 -6.00 3.47
C VAL A 17 3.37 -5.51 2.38
N GLN A 18 2.87 -6.46 1.59
CA GLN A 18 1.83 -6.24 0.58
C GLN A 18 0.47 -6.50 1.24
N ASN A 19 -0.44 -5.51 1.15
CA ASN A 19 -1.71 -5.51 1.90
C ASN A 19 -2.86 -6.19 1.11
N PHE A 20 -4.08 -6.07 1.65
CA PHE A 20 -5.32 -6.55 1.03
C PHE A 20 -6.04 -5.37 0.29
N LYS A 21 -5.24 -4.56 -0.46
CA LYS A 21 -5.66 -3.34 -1.24
C LYS A 21 -6.49 -2.30 -0.46
N ARG A 22 -7.75 -2.64 -0.11
CA ARG A 22 -8.69 -1.77 0.63
C ARG A 22 -8.14 -1.36 2.00
N ARG A 23 -7.16 -2.12 2.53
CA ARG A 23 -6.41 -1.74 3.74
C ARG A 23 -5.71 -0.39 3.48
N GLU A 24 -6.26 0.70 4.02
CA GLU A 24 -5.68 2.05 3.88
C GLU A 24 -4.43 2.20 4.78
N LYS A 25 -4.23 1.23 5.67
CA LYS A 25 -3.03 1.05 6.48
C LYS A 25 -2.67 -0.44 6.49
N CYS A 26 -1.37 -0.74 6.71
CA CYS A 26 -0.88 -2.14 6.81
C CYS A 26 -1.60 -2.91 7.92
N PHE A 27 -1.78 -4.21 7.70
CA PHE A 27 -2.55 -5.11 8.58
C PHE A 27 -1.78 -5.46 9.88
N LYS A 28 -0.52 -4.97 10.00
CA LYS A 28 0.38 -5.35 11.11
C LYS A 28 1.27 -4.17 11.53
N CYS A 29 1.76 -3.38 10.54
CA CYS A 29 2.64 -2.25 10.78
C CYS A 29 1.85 -0.93 10.91
N GLY A 30 0.69 -0.87 10.21
CA GLY A 30 -0.23 0.26 10.30
C GLY A 30 0.25 1.53 9.58
N VAL A 31 1.16 1.38 8.57
CA VAL A 31 1.62 2.53 7.77
C VAL A 31 0.48 3.03 6.85
N PRO A 32 0.22 4.38 6.81
CA PRO A 32 -0.76 4.95 5.86
C PRO A 32 -0.38 4.70 4.39
N LYS A 33 -1.39 4.35 3.58
CA LYS A 33 -1.27 4.19 2.11
C LYS A 33 -0.87 5.51 1.47
N SER A 34 -1.37 6.61 2.06
CA SER A 34 -1.10 7.97 1.64
C SER A 34 0.42 8.28 1.67
N GLU A 35 1.16 7.56 2.56
CA GLU A 35 2.62 7.72 2.73
C GLU A 35 3.40 6.50 2.21
N ALA A 36 2.71 5.34 2.01
CA ALA A 36 3.33 4.13 1.43
C ALA A 36 3.47 4.31 -0.08
N GLU A 37 2.34 4.63 -0.73
CA GLU A 37 2.33 5.12 -2.10
C GLU A 37 2.62 6.61 -2.13
N GLN A 38 2.97 7.11 -3.33
CA GLN A 38 3.42 8.49 -3.60
C GLN A 38 4.61 8.92 -2.71
N LYS A 39 5.10 10.15 -2.93
CA LYS A 39 6.18 10.74 -2.13
C LYS A 39 5.81 12.17 -1.69
N LEU A 40 5.60 12.33 -0.38
CA LEU A 40 5.34 13.63 0.26
C LEU A 40 6.66 14.44 0.35
N PRO A 41 6.61 15.81 0.57
CA PRO A 41 7.83 16.65 0.84
C PRO A 41 8.78 15.98 1.87
N LEU A 42 9.89 15.39 1.33
CA LEU A 42 10.79 14.46 2.05
C LEU A 42 10.11 13.11 2.32
N GLY A 43 9.00 13.13 3.09
CA GLY A 43 8.19 11.93 3.34
C GLY A 43 8.52 11.25 4.68
N GLY A 1 10.69 -9.52 -2.71
CA GLY A 1 9.96 -10.22 -1.63
C GLY A 1 8.57 -9.67 -1.41
N HIS A 2 7.70 -10.49 -0.77
CA HIS A 2 6.27 -10.18 -0.49
C HIS A 2 5.48 -9.97 -1.80
N MET A 3 5.03 -11.12 -2.36
CA MET A 3 4.18 -11.20 -3.57
C MET A 3 4.92 -10.67 -4.83
N PRO A 4 5.70 -11.55 -5.55
CA PRO A 4 6.33 -11.19 -6.85
C PRO A 4 5.26 -11.13 -7.99
N LYS A 5 4.34 -10.19 -7.84
CA LYS A 5 3.12 -10.06 -8.66
C LYS A 5 2.61 -8.62 -8.58
N ILE A 6 2.14 -8.06 -9.71
CA ILE A 6 1.56 -6.70 -9.74
C ILE A 6 0.06 -6.76 -9.41
N ASN A 7 -0.38 -5.76 -8.64
CA ASN A 7 -1.80 -5.56 -8.32
C ASN A 7 -1.98 -4.15 -7.76
N GLU A 8 -3.21 -3.61 -7.90
CA GLU A 8 -3.59 -2.26 -7.45
C GLU A 8 -3.30 -2.05 -5.93
N ASP A 9 -3.35 -3.17 -5.18
CA ASP A 9 -3.02 -3.23 -3.73
C ASP A 9 -1.63 -2.61 -3.44
N TRP A 10 -1.52 -1.94 -2.28
CA TRP A 10 -0.34 -1.13 -1.96
C TRP A 10 0.69 -1.93 -1.16
N LEU A 11 1.96 -1.71 -1.49
CA LEU A 11 3.12 -2.38 -0.91
C LEU A 11 3.73 -1.43 0.14
N CYS A 12 3.73 -1.84 1.41
CA CYS A 12 4.32 -1.09 2.54
C CYS A 12 5.81 -0.78 2.32
N ASN A 13 6.20 0.39 2.79
CA ASN A 13 7.54 0.96 2.62
C ASN A 13 8.30 0.93 3.96
N LYS A 14 7.56 0.72 5.07
CA LYS A 14 8.12 0.75 6.43
C LYS A 14 8.43 -0.68 6.92
N CYS A 15 7.43 -1.61 6.94
CA CYS A 15 7.72 -3.03 7.16
C CYS A 15 8.23 -3.69 5.86
N GLY A 16 7.44 -3.53 4.78
CA GLY A 16 7.79 -4.05 3.45
C GLY A 16 6.77 -5.06 2.92
N VAL A 17 5.63 -5.21 3.60
CA VAL A 17 4.60 -6.22 3.26
C VAL A 17 3.65 -5.72 2.15
N GLN A 18 2.64 -6.54 1.80
CA GLN A 18 1.57 -6.16 0.87
C GLN A 18 0.25 -6.10 1.64
N ASN A 19 -0.49 -5.00 1.46
CA ASN A 19 -1.85 -4.83 2.02
C ASN A 19 -2.86 -4.65 0.90
N PHE A 20 -4.09 -5.16 1.11
CA PHE A 20 -5.19 -5.03 0.17
C PHE A 20 -5.51 -3.54 -0.05
N LYS A 21 -6.02 -3.20 -1.25
CA LYS A 21 -6.21 -1.82 -1.68
C LYS A 21 -7.12 -1.03 -0.71
N ARG A 22 -8.15 -1.70 -0.18
CA ARG A 22 -9.20 -1.04 0.64
C ARG A 22 -8.77 -0.86 2.11
N ARG A 23 -7.49 -1.15 2.43
CA ARG A 23 -6.92 -0.94 3.78
C ARG A 23 -6.46 0.52 3.94
N GLU A 24 -6.78 1.11 5.10
CA GLU A 24 -6.36 2.47 5.46
C GLU A 24 -4.91 2.45 5.98
N LYS A 25 -4.62 1.47 6.85
CA LYS A 25 -3.27 1.22 7.41
C LYS A 25 -2.86 -0.25 7.20
N CYS A 26 -1.58 -0.56 7.47
CA CYS A 26 -1.05 -1.94 7.38
C CYS A 26 -1.59 -2.82 8.50
N PHE A 27 -1.75 -4.13 8.20
CA PHE A 27 -2.37 -5.11 9.10
C PHE A 27 -1.49 -5.36 10.34
N LYS A 28 -0.16 -5.23 10.18
CA LYS A 28 0.81 -5.43 11.28
C LYS A 28 1.57 -4.13 11.61
N CYS A 29 2.11 -3.46 10.58
CA CYS A 29 2.97 -2.28 10.74
C CYS A 29 2.17 -1.03 11.09
N GLY A 30 0.93 -0.97 10.58
CA GLY A 30 0.05 0.17 10.78
C GLY A 30 0.46 1.40 9.98
N VAL A 31 1.29 1.23 8.93
CA VAL A 31 1.68 2.34 8.04
C VAL A 31 0.44 2.82 7.25
N PRO A 32 0.12 4.15 7.31
CA PRO A 32 -0.89 4.76 6.44
C PRO A 32 -0.60 4.52 4.93
N LYS A 33 -1.66 4.16 4.20
CA LYS A 33 -1.65 3.92 2.75
C LYS A 33 -0.95 5.07 1.98
N SER A 34 -1.09 6.30 2.51
CA SER A 34 -0.55 7.53 1.91
C SER A 34 0.99 7.50 1.81
N GLU A 35 1.65 6.92 2.84
CA GLU A 35 3.13 6.85 2.89
C GLU A 35 3.67 5.75 1.94
N ALA A 36 2.80 4.80 1.58
CA ALA A 36 3.14 3.70 0.69
C ALA A 36 2.95 4.13 -0.77
N GLU A 37 1.69 4.32 -1.18
CA GLU A 37 1.36 4.88 -2.51
C GLU A 37 1.32 6.42 -2.39
N GLN A 38 2.49 7.05 -2.63
CA GLN A 38 2.67 8.51 -2.54
C GLN A 38 1.98 9.20 -3.73
N LYS A 39 0.73 9.60 -3.50
CA LYS A 39 -0.15 10.21 -4.52
C LYS A 39 -0.59 11.60 -4.08
N LEU A 40 -0.84 12.47 -5.07
CA LEU A 40 -1.39 13.83 -4.90
C LEU A 40 -2.79 13.77 -4.21
N PRO A 41 -3.23 14.86 -3.50
CA PRO A 41 -4.60 14.96 -2.92
C PRO A 41 -5.69 15.13 -4.02
N LEU A 42 -5.89 14.06 -4.81
CA LEU A 42 -6.83 14.04 -5.95
C LEU A 42 -8.28 13.91 -5.43
N GLY A 43 -8.43 13.02 -4.43
CA GLY A 43 -9.72 12.80 -3.76
C GLY A 43 -9.60 13.10 -2.27
N GLY A 1 6.59 -12.09 -14.80
CA GLY A 1 7.52 -12.04 -13.65
C GLY A 1 6.83 -11.66 -12.34
N HIS A 2 5.75 -12.40 -12.03
CA HIS A 2 4.91 -12.27 -10.81
C HIS A 2 4.51 -10.80 -10.46
N MET A 3 4.30 -9.97 -11.50
CA MET A 3 3.92 -8.55 -11.34
C MET A 3 2.63 -8.24 -12.13
N PRO A 4 1.43 -8.40 -11.49
CA PRO A 4 0.15 -8.02 -12.12
C PRO A 4 0.01 -6.48 -12.21
N LYS A 5 -0.63 -6.01 -13.30
CA LYS A 5 -0.92 -4.57 -13.50
C LYS A 5 -2.04 -4.08 -12.56
N ILE A 6 -2.74 -5.04 -11.92
CA ILE A 6 -3.74 -4.77 -10.90
C ILE A 6 -3.05 -4.07 -9.72
N ASN A 7 -3.27 -2.75 -9.62
CA ASN A 7 -2.69 -1.89 -8.56
C ASN A 7 -3.69 -1.73 -7.41
N GLU A 8 -4.46 -2.81 -7.16
CA GLU A 8 -5.40 -2.90 -6.05
C GLU A 8 -4.70 -3.47 -4.79
N ASP A 9 -3.37 -3.44 -4.80
CA ASP A 9 -2.53 -3.73 -3.63
C ASP A 9 -1.43 -2.66 -3.53
N TRP A 10 -0.80 -2.59 -2.34
CA TRP A 10 0.35 -1.70 -2.09
C TRP A 10 1.37 -2.44 -1.22
N LEU A 11 2.64 -2.11 -1.41
CA LEU A 11 3.74 -2.60 -0.59
C LEU A 11 4.07 -1.54 0.46
N CYS A 12 4.15 -1.96 1.72
CA CYS A 12 4.50 -1.08 2.84
C CYS A 12 5.89 -0.44 2.67
N ASN A 13 6.08 0.76 3.24
CA ASN A 13 7.39 1.46 3.24
C ASN A 13 8.20 1.09 4.51
N LYS A 14 7.50 0.77 5.61
CA LYS A 14 8.12 0.37 6.89
C LYS A 14 8.39 -1.15 6.94
N CYS A 15 7.33 -2.00 7.09
CA CYS A 15 7.50 -3.46 7.24
C CYS A 15 7.81 -4.12 5.88
N GLY A 16 7.36 -3.47 4.80
CA GLY A 16 7.63 -3.90 3.43
C GLY A 16 6.72 -5.04 2.97
N VAL A 17 5.64 -5.32 3.71
CA VAL A 17 4.74 -6.46 3.43
C VAL A 17 3.76 -6.13 2.28
N GLN A 18 3.14 -7.17 1.73
CA GLN A 18 2.17 -7.06 0.64
C GLN A 18 0.76 -6.86 1.26
N ASN A 19 0.29 -5.61 1.24
CA ASN A 19 -1.03 -5.23 1.78
C ASN A 19 -2.05 -5.10 0.64
N PHE A 20 -3.32 -5.35 0.97
CA PHE A 20 -4.45 -5.13 0.06
C PHE A 20 -4.84 -3.63 0.15
N LYS A 21 -5.12 -2.98 -1.00
CA LYS A 21 -5.27 -1.50 -1.05
C LYS A 21 -6.61 -1.00 -0.50
N ARG A 22 -7.46 -1.93 -0.03
CA ARG A 22 -8.71 -1.58 0.69
C ARG A 22 -8.40 -1.29 2.18
N ARG A 23 -7.14 -1.59 2.59
CA ARG A 23 -6.63 -1.24 3.93
C ARG A 23 -6.17 0.23 3.95
N GLU A 24 -6.61 0.96 4.98
CA GLU A 24 -6.25 2.36 5.21
C GLU A 24 -4.78 2.46 5.68
N LYS A 25 -4.41 1.47 6.49
CA LYS A 25 -3.05 1.30 6.99
C LYS A 25 -2.65 -0.16 6.85
N CYS A 26 -1.35 -0.45 7.02
CA CYS A 26 -0.83 -1.83 7.04
C CYS A 26 -1.59 -2.68 8.07
N PHE A 27 -1.91 -3.91 7.68
CA PHE A 27 -2.71 -4.86 8.47
C PHE A 27 -1.96 -5.36 9.73
N LYS A 28 -0.71 -4.90 9.92
CA LYS A 28 0.15 -5.34 11.03
C LYS A 28 1.08 -4.21 11.52
N CYS A 29 1.63 -3.40 10.59
CA CYS A 29 2.61 -2.35 10.91
C CYS A 29 1.99 -0.95 11.11
N GLY A 30 0.77 -0.74 10.57
CA GLY A 30 0.01 0.49 10.79
C GLY A 30 0.58 1.76 10.15
N VAL A 31 1.28 1.61 9.00
CA VAL A 31 1.67 2.80 8.18
C VAL A 31 0.51 3.16 7.25
N PRO A 32 0.13 4.48 7.12
CA PRO A 32 -0.87 4.91 6.13
C PRO A 32 -0.45 4.49 4.70
N LYS A 33 -1.43 3.92 3.97
CA LYS A 33 -1.31 3.56 2.55
C LYS A 33 -0.86 4.78 1.75
N SER A 34 -1.44 5.94 2.13
CA SER A 34 -1.18 7.26 1.58
C SER A 34 0.32 7.62 1.53
N GLU A 35 1.11 7.06 2.48
CA GLU A 35 2.55 7.37 2.62
C GLU A 35 3.43 6.38 1.82
N ALA A 36 2.87 5.22 1.43
CA ALA A 36 3.62 4.15 0.74
C ALA A 36 3.59 4.33 -0.79
N GLU A 37 2.38 4.33 -1.36
CA GLU A 37 2.16 4.46 -2.84
C GLU A 37 1.87 5.92 -3.26
N GLN A 38 1.81 6.81 -2.24
CA GLN A 38 1.52 8.26 -2.36
C GLN A 38 0.04 8.52 -2.70
N LYS A 39 -0.61 9.37 -1.89
CA LYS A 39 -2.03 9.76 -2.05
C LYS A 39 -2.30 10.43 -3.41
N LEU A 40 -3.42 10.05 -4.02
CA LEU A 40 -3.85 10.57 -5.31
C LEU A 40 -4.62 11.91 -5.10
N PRO A 41 -4.45 12.91 -6.01
CA PRO A 41 -5.17 14.21 -5.91
C PRO A 41 -6.65 14.12 -6.33
N LEU A 42 -7.05 12.92 -6.80
CA LEU A 42 -8.42 12.59 -7.18
C LEU A 42 -8.70 11.14 -6.76
N GLY A 43 -9.38 10.98 -5.62
CA GLY A 43 -9.74 9.66 -5.10
C GLY A 43 -10.89 9.01 -5.88
N GLY A 1 8.84 -12.48 -17.27
CA GLY A 1 8.26 -13.42 -16.28
C GLY A 1 6.74 -13.27 -16.17
N HIS A 2 6.20 -13.56 -14.98
CA HIS A 2 4.75 -13.44 -14.71
C HIS A 2 4.52 -12.70 -13.38
N MET A 3 3.49 -11.85 -13.38
CA MET A 3 3.02 -11.13 -12.17
C MET A 3 1.51 -11.40 -11.98
N PRO A 4 0.97 -11.29 -10.72
CA PRO A 4 -0.49 -11.34 -10.47
C PRO A 4 -1.25 -10.23 -11.22
N LYS A 5 -0.57 -9.07 -11.44
CA LYS A 5 -1.06 -7.91 -12.24
C LYS A 5 -2.35 -7.27 -11.65
N ILE A 6 -2.71 -7.67 -10.43
CA ILE A 6 -3.86 -7.14 -9.68
C ILE A 6 -3.29 -6.44 -8.41
N ASN A 7 -2.03 -5.98 -8.54
CA ASN A 7 -1.20 -5.48 -7.43
C ASN A 7 -1.45 -3.98 -7.19
N GLU A 8 -2.73 -3.53 -7.32
CA GLU A 8 -3.15 -2.16 -6.93
C GLU A 8 -3.08 -2.00 -5.38
N ASP A 9 -2.96 -3.15 -4.70
CA ASP A 9 -2.56 -3.22 -3.29
C ASP A 9 -1.28 -2.41 -3.10
N TRP A 10 -1.31 -1.45 -2.18
CA TRP A 10 -0.15 -0.59 -1.91
C TRP A 10 0.91 -1.39 -1.12
N LEU A 11 2.17 -1.26 -1.55
CA LEU A 11 3.32 -1.94 -0.91
C LEU A 11 3.83 -1.03 0.23
N CYS A 12 3.90 -1.55 1.46
CA CYS A 12 4.36 -0.79 2.63
C CYS A 12 5.83 -0.34 2.48
N ASN A 13 6.17 0.78 3.13
CA ASN A 13 7.55 1.31 3.17
C ASN A 13 8.27 0.81 4.44
N LYS A 14 7.51 0.51 5.51
CA LYS A 14 8.08 -0.01 6.78
C LYS A 14 8.25 -1.54 6.73
N CYS A 15 7.14 -2.32 6.80
CA CYS A 15 7.20 -3.80 6.83
C CYS A 15 7.38 -4.37 5.41
N GLY A 16 6.90 -3.62 4.40
CA GLY A 16 7.01 -4.03 3.00
C GLY A 16 6.00 -5.09 2.59
N VAL A 17 4.84 -5.10 3.27
CA VAL A 17 3.77 -6.08 2.99
C VAL A 17 2.83 -5.60 1.87
N GLN A 18 2.27 -6.57 1.13
CA GLN A 18 1.17 -6.35 0.18
C GLN A 18 -0.15 -6.64 0.93
N ASN A 19 -0.96 -5.59 1.15
CA ASN A 19 -2.25 -5.68 1.87
C ASN A 19 -3.36 -6.15 0.89
N PHE A 20 -4.65 -6.04 1.30
CA PHE A 20 -5.79 -6.45 0.46
C PHE A 20 -6.40 -5.23 -0.31
N LYS A 21 -5.49 -4.31 -0.78
CA LYS A 21 -5.80 -3.04 -1.52
C LYS A 21 -6.95 -2.17 -0.95
N ARG A 22 -7.41 -2.46 0.27
CA ARG A 22 -8.56 -1.77 0.89
C ARG A 22 -8.12 -1.01 2.16
N ARG A 23 -7.03 -1.49 2.78
CA ARG A 23 -6.57 -1.00 4.10
C ARG A 23 -6.08 0.46 4.02
N GLU A 24 -6.45 1.24 5.06
CA GLU A 24 -6.02 2.63 5.24
C GLU A 24 -4.56 2.67 5.74
N LYS A 25 -4.23 1.66 6.57
CA LYS A 25 -2.87 1.44 7.11
C LYS A 25 -2.54 -0.06 7.08
N CYS A 26 -1.24 -0.39 7.26
CA CYS A 26 -0.77 -1.79 7.28
C CYS A 26 -1.48 -2.61 8.37
N PHE A 27 -1.85 -3.85 8.02
CA PHE A 27 -2.64 -4.75 8.86
C PHE A 27 -1.82 -5.41 10.01
N LYS A 28 -0.57 -4.94 10.20
CA LYS A 28 0.36 -5.50 11.21
C LYS A 28 1.40 -4.47 11.67
N CYS A 29 1.84 -3.58 10.75
CA CYS A 29 2.88 -2.58 11.02
C CYS A 29 2.30 -1.16 11.23
N GLY A 30 1.17 -0.87 10.58
CA GLY A 30 0.50 0.42 10.69
C GLY A 30 1.28 1.60 10.10
N VAL A 31 1.49 1.58 8.76
CA VAL A 31 1.92 2.78 8.01
C VAL A 31 0.73 3.26 7.15
N PRO A 32 0.45 4.61 7.08
CA PRO A 32 -0.57 5.16 6.16
C PRO A 32 -0.35 4.73 4.70
N LYS A 33 -1.47 4.43 4.01
CA LYS A 33 -1.51 4.18 2.57
C LYS A 33 -0.92 5.39 1.83
N SER A 34 -1.36 6.58 2.25
CA SER A 34 -0.93 7.87 1.68
C SER A 34 0.56 8.14 1.91
N GLU A 35 1.17 7.45 2.91
CA GLU A 35 2.62 7.56 3.22
C GLU A 35 3.42 6.45 2.49
N ALA A 36 2.73 5.38 2.03
CA ALA A 36 3.36 4.25 1.32
C ALA A 36 3.42 4.52 -0.21
N GLU A 37 2.26 4.88 -0.79
CA GLU A 37 2.14 5.28 -2.21
C GLU A 37 2.06 6.83 -2.31
N GLN A 38 2.32 7.36 -3.51
CA GLN A 38 2.33 8.80 -3.78
C GLN A 38 1.24 9.16 -4.81
N LYS A 39 0.07 9.57 -4.31
CA LYS A 39 -0.97 10.18 -5.15
C LYS A 39 -0.62 11.66 -5.40
N LEU A 40 -0.16 11.95 -6.63
CA LEU A 40 0.03 13.32 -7.10
C LEU A 40 -1.34 14.05 -7.21
N PRO A 41 -1.41 15.40 -7.02
CA PRO A 41 -2.70 16.16 -7.07
C PRO A 41 -3.38 16.06 -8.45
N LEU A 42 -4.46 15.26 -8.54
CA LEU A 42 -5.32 15.21 -9.73
C LEU A 42 -6.18 16.49 -9.77
N GLY A 43 -6.02 17.30 -10.83
CA GLY A 43 -6.79 18.55 -10.99
C GLY A 43 -6.38 19.66 -10.02
N GLY A 1 8.53 -11.76 -11.73
CA GLY A 1 9.62 -12.06 -10.77
C GLY A 1 9.44 -11.30 -9.45
N HIS A 2 8.46 -11.76 -8.63
CA HIS A 2 8.03 -11.15 -7.34
C HIS A 2 7.93 -9.60 -7.40
N MET A 3 6.90 -9.10 -8.10
CA MET A 3 6.70 -7.66 -8.34
C MET A 3 5.19 -7.35 -8.35
N PRO A 4 4.74 -6.16 -7.80
CA PRO A 4 3.35 -5.67 -7.95
C PRO A 4 2.88 -5.59 -9.42
N LYS A 5 2.29 -6.70 -9.91
CA LYS A 5 1.77 -6.81 -11.28
C LYS A 5 0.23 -6.89 -11.25
N ILE A 6 -0.32 -8.06 -10.83
CA ILE A 6 -1.78 -8.27 -10.80
C ILE A 6 -2.38 -7.61 -9.54
N ASN A 7 -1.60 -7.60 -8.44
CA ASN A 7 -2.02 -6.95 -7.18
C ASN A 7 -1.98 -5.41 -7.35
N GLU A 8 -3.04 -4.74 -6.90
CA GLU A 8 -3.23 -3.28 -7.13
C GLU A 8 -3.10 -2.51 -5.80
N ASP A 9 -2.72 -3.19 -4.71
CA ASP A 9 -2.45 -2.56 -3.41
C ASP A 9 -1.19 -1.68 -3.44
N TRP A 10 -0.86 -1.14 -2.28
CA TRP A 10 0.35 -0.33 -2.07
C TRP A 10 1.36 -1.16 -1.26
N LEU A 11 2.61 -1.20 -1.70
CA LEU A 11 3.66 -1.95 -1.00
C LEU A 11 4.20 -1.05 0.14
N CYS A 12 4.12 -1.53 1.39
CA CYS A 12 4.57 -0.79 2.59
C CYS A 12 6.06 -0.42 2.53
N ASN A 13 6.45 0.64 3.27
CA ASN A 13 7.86 1.07 3.38
C ASN A 13 8.44 0.64 4.74
N LYS A 14 7.56 0.52 5.76
CA LYS A 14 7.95 0.11 7.11
C LYS A 14 8.14 -1.43 7.17
N CYS A 15 7.01 -2.22 7.10
CA CYS A 15 7.09 -3.69 7.15
C CYS A 15 7.43 -4.26 5.77
N GLY A 16 6.92 -3.61 4.72
CA GLY A 16 7.14 -4.02 3.34
C GLY A 16 6.19 -5.11 2.89
N VAL A 17 4.95 -5.14 3.44
CA VAL A 17 3.94 -6.18 3.12
C VAL A 17 3.06 -5.78 1.93
N GLN A 18 2.50 -6.81 1.28
CA GLN A 18 1.47 -6.70 0.24
C GLN A 18 0.10 -6.83 0.94
N ASN A 19 -0.77 -5.81 0.80
CA ASN A 19 -2.08 -5.76 1.49
C ASN A 19 -3.25 -5.92 0.49
N PHE A 20 -4.48 -5.59 0.92
CA PHE A 20 -5.72 -5.83 0.12
C PHE A 20 -6.23 -4.55 -0.56
N LYS A 21 -5.32 -3.56 -0.70
CA LYS A 21 -5.58 -2.20 -1.20
C LYS A 21 -6.53 -1.37 -0.29
N ARG A 22 -7.62 -1.98 0.22
CA ARG A 22 -8.58 -1.32 1.13
C ARG A 22 -8.00 -1.27 2.56
N ARG A 23 -6.90 -0.53 2.66
CA ARG A 23 -6.10 -0.39 3.85
C ARG A 23 -5.66 1.06 3.99
N GLU A 24 -6.24 1.75 4.99
CA GLU A 24 -5.75 3.06 5.47
C GLU A 24 -4.33 2.90 6.02
N LYS A 25 -4.12 1.77 6.70
CA LYS A 25 -2.84 1.34 7.25
C LYS A 25 -2.66 -0.15 6.99
N CYS A 26 -1.39 -0.62 7.05
CA CYS A 26 -1.05 -2.06 6.93
C CYS A 26 -1.82 -2.91 7.97
N PHE A 27 -2.14 -4.16 7.58
CA PHE A 27 -2.95 -5.08 8.40
C PHE A 27 -2.21 -5.59 9.66
N LYS A 28 -0.90 -5.23 9.78
CA LYS A 28 -0.04 -5.73 10.87
C LYS A 28 0.87 -4.62 11.41
N CYS A 29 1.47 -3.83 10.50
CA CYS A 29 2.45 -2.80 10.85
C CYS A 29 1.77 -1.52 11.38
N GLY A 30 1.15 -0.74 10.46
CA GLY A 30 0.45 0.50 10.85
C GLY A 30 0.95 1.72 10.11
N VAL A 31 1.72 1.51 9.01
CA VAL A 31 2.14 2.59 8.11
C VAL A 31 0.90 3.21 7.42
N PRO A 32 0.76 4.57 7.37
CA PRO A 32 -0.35 5.19 6.61
C PRO A 32 -0.22 4.92 5.09
N LYS A 33 -1.37 4.87 4.42
CA LYS A 33 -1.46 4.67 2.97
C LYS A 33 -0.82 5.88 2.24
N SER A 34 -0.92 7.08 2.85
CA SER A 34 -0.33 8.33 2.32
C SER A 34 1.21 8.26 2.24
N GLU A 35 1.81 7.30 2.96
CA GLU A 35 3.28 7.13 3.07
C GLU A 35 3.81 6.01 2.12
N ALA A 36 2.95 5.49 1.22
CA ALA A 36 3.29 4.34 0.34
C ALA A 36 2.63 4.50 -1.03
N GLU A 37 1.35 4.91 -1.01
CA GLU A 37 0.60 5.33 -2.20
C GLU A 37 1.10 6.72 -2.68
N GLN A 38 0.70 7.09 -3.90
CA GLN A 38 1.06 8.37 -4.53
C GLN A 38 0.42 9.56 -3.78
N LYS A 39 1.12 10.72 -3.83
CA LYS A 39 0.76 11.93 -3.08
C LYS A 39 -0.59 12.54 -3.55
N LEU A 40 -1.32 13.14 -2.60
CA LEU A 40 -2.57 13.86 -2.87
C LEU A 40 -2.46 15.30 -2.32
N PRO A 41 -3.20 16.29 -2.90
CA PRO A 41 -3.37 17.62 -2.26
C PRO A 41 -4.00 17.48 -0.85
N LEU A 42 -3.33 18.09 0.16
CA LEU A 42 -3.71 18.00 1.61
C LEU A 42 -3.46 16.57 2.18
N GLY A 43 -2.63 15.77 1.47
CA GLY A 43 -2.30 14.40 1.87
C GLY A 43 -1.11 14.35 2.84
#